data_1AUU
#
_entry.id   1AUU
#
_cell.length_a   1.000
_cell.length_b   1.000
_cell.length_c   1.000
_cell.angle_alpha   90.00
_cell.angle_beta   90.00
_cell.angle_gamma   90.00
#
_symmetry.space_group_name_H-M   'P 1'
#
_entity_poly.entity_id   1
_entity_poly.type   'polypeptide(L)'
_entity_poly.pdbx_seq_one_letter_code
;MKIKRILNHNAIVVKDQNEEKILLGAGIAFNKKKNDIVDPSKIEKTFIRKDTPDY
;
_entity_poly.pdbx_strand_id   A,B
#
# COMPACT_ATOMS: atom_id res chain seq x y z
N MET A 1 7.71 -1.32 13.61
CA MET A 1 7.20 -0.78 12.31
C MET A 1 7.11 0.75 12.38
N LYS A 2 7.99 1.44 11.70
CA LYS A 2 7.97 2.92 11.71
C LYS A 2 7.20 3.44 10.50
N ILE A 3 6.96 4.72 10.46
CA ILE A 3 6.20 5.32 9.32
C ILE A 3 7.17 6.15 8.46
N LYS A 4 7.51 5.63 7.31
CA LYS A 4 8.45 6.35 6.39
C LYS A 4 7.68 7.41 5.58
N ARG A 5 6.44 7.13 5.25
CA ARG A 5 5.63 8.09 4.46
C ARG A 5 4.17 8.07 4.91
N ILE A 6 3.37 8.96 4.36
CA ILE A 6 1.93 9.03 4.73
C ILE A 6 1.09 9.06 3.45
N LEU A 7 0.21 8.10 3.29
CA LEU A 7 -0.66 8.08 2.08
C LEU A 7 -1.92 8.90 2.37
N ASN A 8 -2.52 8.67 3.50
CA ASN A 8 -3.74 9.44 3.91
C ASN A 8 -3.96 9.29 5.42
N HIS A 9 -5.17 9.40 5.90
CA HIS A 9 -5.40 9.26 7.38
C HIS A 9 -5.46 7.79 7.80
N ASN A 10 -5.27 6.88 6.87
CA ASN A 10 -5.33 5.42 7.19
C ASN A 10 -4.14 4.69 6.56
N ALA A 11 -3.81 5.02 5.34
CA ALA A 11 -2.68 4.33 4.66
C ALA A 11 -1.38 5.11 4.87
N ILE A 12 -0.31 4.39 5.09
CA ILE A 12 1.01 5.05 5.31
C ILE A 12 2.12 4.12 4.79
N VAL A 13 3.19 4.66 4.28
CA VAL A 13 4.30 3.82 3.77
C VAL A 13 5.27 3.53 4.92
N VAL A 14 5.27 2.33 5.41
CA VAL A 14 6.19 1.97 6.53
C VAL A 14 7.40 1.20 5.98
N LYS A 15 8.27 0.75 6.86
CA LYS A 15 9.49 0.00 6.41
C LYS A 15 9.80 -1.10 7.43
N ASP A 16 9.92 -2.32 6.98
CA ASP A 16 10.23 -3.46 7.89
C ASP A 16 11.63 -4.00 7.58
N GLN A 17 12.03 -5.05 8.27
CA GLN A 17 13.36 -5.67 8.04
C GLN A 17 13.49 -6.13 6.59
N ASN A 18 12.46 -6.75 6.07
CA ASN A 18 12.50 -7.25 4.67
C ASN A 18 12.67 -6.08 3.70
N GLU A 19 11.82 -5.07 3.78
CA GLU A 19 11.94 -3.89 2.86
C GLU A 19 10.81 -2.89 3.17
N GLU A 20 10.46 -2.07 2.22
CA GLU A 20 9.37 -1.06 2.44
C GLU A 20 8.02 -1.78 2.58
N LYS A 21 7.16 -1.26 3.42
CA LYS A 21 5.82 -1.89 3.62
C LYS A 21 4.73 -0.80 3.53
N ILE A 22 3.49 -1.21 3.59
CA ILE A 22 2.36 -0.23 3.53
C ILE A 22 1.36 -0.58 4.63
N LEU A 23 1.05 0.36 5.49
CA LEU A 23 0.09 0.08 6.59
C LEU A 23 -1.26 0.74 6.30
N LEU A 24 -2.26 -0.04 5.97
CA LEU A 24 -3.62 0.52 5.70
C LEU A 24 -4.49 0.28 6.93
N GLY A 25 -4.75 1.31 7.70
CA GLY A 25 -5.60 1.15 8.92
C GLY A 25 -6.45 2.40 9.11
N ALA A 26 -7.76 2.24 9.13
CA ALA A 26 -8.67 3.41 9.30
C ALA A 26 -8.30 4.20 10.55
N GLY A 27 -7.69 5.34 10.35
CA GLY A 27 -7.27 6.20 11.50
C GLY A 27 -5.81 5.94 11.87
N ILE A 28 -5.11 5.17 11.07
CA ILE A 28 -3.67 4.86 11.36
C ILE A 28 -2.88 6.17 11.46
N ALA A 29 -3.06 7.07 10.52
CA ALA A 29 -2.33 8.37 10.56
C ALA A 29 -2.70 9.10 11.86
N PHE A 30 -3.95 9.00 12.27
CA PHE A 30 -4.37 9.64 13.54
C PHE A 30 -3.76 8.86 14.71
N ASN A 31 -3.37 9.57 15.75
CA ASN A 31 -2.76 8.89 16.94
C ASN A 31 -1.35 8.40 16.59
N LYS A 32 -0.69 9.03 15.65
CA LYS A 32 0.70 8.63 15.27
C LYS A 32 1.33 9.68 14.34
N LYS A 33 2.59 9.52 14.00
CA LYS A 33 3.26 10.52 13.11
C LYS A 33 4.39 9.84 12.32
N LYS A 34 5.01 10.57 11.41
CA LYS A 34 6.13 10.01 10.60
C LYS A 34 7.28 9.61 11.51
N ASN A 35 7.80 8.41 11.30
CA ASN A 35 8.93 7.88 12.11
C ASN A 35 8.41 7.26 13.43
N ASP A 36 7.16 7.46 13.76
CA ASP A 36 6.61 6.86 15.01
C ASP A 36 6.17 5.42 14.71
N ILE A 37 6.21 4.57 15.71
CA ILE A 37 5.80 3.15 15.50
C ILE A 37 4.32 3.11 15.12
N VAL A 38 3.95 2.16 14.30
CA VAL A 38 2.52 2.06 13.88
C VAL A 38 1.69 1.39 14.98
N ASP A 39 0.53 1.91 15.24
CA ASP A 39 -0.36 1.32 16.28
C ASP A 39 -0.92 0.02 15.73
N PRO A 40 -0.72 -1.07 16.44
CA PRO A 40 -1.19 -2.40 16.02
C PRO A 40 -2.71 -2.50 16.09
N SER A 41 -3.32 -1.84 17.06
CA SER A 41 -4.81 -1.87 17.15
C SER A 41 -5.40 -1.21 15.89
N LYS A 42 -4.66 -0.30 15.30
CA LYS A 42 -5.12 0.39 14.05
C LYS A 42 -4.72 -0.43 12.82
N ILE A 43 -3.77 -1.33 12.95
CA ILE A 43 -3.34 -2.17 11.78
C ILE A 43 -4.57 -2.90 11.20
N GLU A 44 -4.89 -2.58 9.98
CA GLU A 44 -6.06 -3.23 9.32
C GLU A 44 -5.57 -4.03 8.10
N LYS A 45 -4.48 -3.59 7.48
CA LYS A 45 -3.95 -4.33 6.29
C LYS A 45 -2.47 -3.98 6.09
N THR A 46 -1.62 -4.99 6.07
CA THR A 46 -0.17 -4.75 5.87
C THR A 46 0.23 -5.19 4.46
N PHE A 47 0.81 -4.29 3.70
CA PHE A 47 1.22 -4.62 2.29
C PHE A 47 2.74 -4.49 2.13
N ILE A 48 3.32 -5.36 1.34
CA ILE A 48 4.80 -5.30 1.11
C ILE A 48 5.07 -5.37 -0.40
N ARG A 49 5.99 -4.55 -0.88
CA ARG A 49 6.31 -4.56 -2.34
C ARG A 49 6.92 -5.92 -2.73
N LYS A 50 6.55 -6.41 -3.88
CA LYS A 50 7.08 -7.73 -4.35
C LYS A 50 8.62 -7.65 -4.47
N ASP A 51 9.31 -8.33 -3.60
CA ASP A 51 10.81 -8.31 -3.64
C ASP A 51 11.30 -9.21 -4.79
N THR A 52 10.95 -10.46 -4.77
CA THR A 52 11.39 -11.41 -5.85
C THR A 52 10.25 -12.40 -6.16
N PRO A 53 10.20 -12.82 -7.41
CA PRO A 53 9.16 -13.76 -7.87
C PRO A 53 9.49 -15.19 -7.42
N ASP A 54 10.52 -15.79 -7.96
CA ASP A 54 10.90 -17.18 -7.57
C ASP A 54 12.32 -17.20 -6.98
N TYR A 55 13.22 -16.44 -7.55
CA TYR A 55 14.63 -16.40 -7.05
C TYR A 55 14.66 -15.95 -5.59
N MET B 1 -4.75 -4.95 -14.12
CA MET B 1 -4.75 -4.40 -12.74
C MET B 1 -5.87 -3.37 -12.59
N LYS B 2 -6.92 -3.70 -11.87
CA LYS B 2 -8.06 -2.75 -11.69
C LYS B 2 -7.88 -1.99 -10.37
N ILE B 3 -8.71 -1.02 -10.16
CA ILE B 3 -8.63 -0.21 -8.90
C ILE B 3 -9.81 -0.55 -8.01
N LYS B 4 -9.56 -1.29 -6.94
CA LYS B 4 -10.66 -1.67 -6.01
C LYS B 4 -10.93 -0.53 -5.02
N ARG B 5 -9.90 0.20 -4.66
CA ARG B 5 -10.08 1.32 -3.69
C ARG B 5 -9.16 2.49 -4.06
N ILE B 6 -9.30 3.58 -3.35
CA ILE B 6 -8.45 4.79 -3.61
C ILE B 6 -7.87 5.29 -2.28
N LEU B 7 -6.57 5.34 -2.19
CA LEU B 7 -5.91 5.83 -0.94
C LEU B 7 -5.76 7.35 -1.04
N ASN B 8 -5.27 7.83 -2.16
CA ASN B 8 -5.12 9.29 -2.38
C ASN B 8 -4.97 9.56 -3.88
N HIS B 9 -4.30 10.63 -4.28
CA HIS B 9 -4.15 10.93 -5.74
C HIS B 9 -2.99 10.10 -6.35
N ASN B 10 -2.36 9.26 -5.56
CA ASN B 10 -1.23 8.44 -6.07
C ASN B 10 -1.37 6.98 -5.61
N ALA B 11 -1.76 6.77 -4.38
CA ALA B 11 -1.92 5.38 -3.87
C ALA B 11 -3.35 4.89 -4.06
N ILE B 12 -3.50 3.66 -4.45
CA ILE B 12 -4.85 3.07 -4.65
C ILE B 12 -4.81 1.57 -4.33
N VAL B 13 -5.89 1.03 -3.82
CA VAL B 13 -5.91 -0.42 -3.49
C VAL B 13 -6.38 -1.19 -4.73
N VAL B 14 -5.48 -1.89 -5.38
CA VAL B 14 -5.86 -2.67 -6.59
C VAL B 14 -6.01 -4.16 -6.22
N LYS B 15 -6.27 -4.98 -7.20
CA LYS B 15 -6.43 -6.45 -6.93
C LYS B 15 -5.86 -7.25 -8.11
N ASP B 16 -4.96 -8.16 -7.82
CA ASP B 16 -4.35 -8.99 -8.90
C ASP B 16 -4.79 -10.45 -8.76
N GLN B 17 -4.28 -11.32 -9.60
CA GLN B 17 -4.65 -12.77 -9.53
C GLN B 17 -4.29 -13.34 -8.17
N ASN B 18 -3.12 -13.01 -7.68
CA ASN B 18 -2.68 -13.53 -6.35
C ASN B 18 -3.62 -13.06 -5.25
N GLU B 19 -3.86 -11.76 -5.16
CA GLU B 19 -4.78 -11.24 -4.08
C GLU B 19 -4.85 -9.71 -4.20
N GLU B 20 -5.21 -9.04 -3.12
CA GLU B 20 -5.30 -7.55 -3.14
C GLU B 20 -3.90 -6.94 -3.28
N LYS B 21 -3.80 -5.85 -4.00
CA LYS B 21 -2.49 -5.18 -4.20
C LYS B 21 -2.61 -3.68 -3.89
N ILE B 22 -1.52 -2.96 -3.94
CA ILE B 22 -1.55 -1.50 -3.67
C ILE B 22 -0.70 -0.80 -4.74
N LEU B 23 -1.28 0.14 -5.45
CA LEU B 23 -0.52 0.85 -6.52
C LEU B 23 -0.17 2.27 -6.06
N LEU B 24 1.10 2.50 -5.78
CA LEU B 24 1.54 3.85 -5.35
C LEU B 24 2.22 4.54 -6.54
N GLY B 25 1.54 5.49 -7.15
CA GLY B 25 2.13 6.19 -8.32
C GLY B 25 1.69 7.66 -8.29
N ALA B 26 2.65 8.57 -8.25
CA ALA B 26 2.32 10.02 -8.20
C ALA B 26 1.40 10.40 -9.36
N GLY B 27 0.15 10.61 -9.06
CA GLY B 27 -0.85 10.99 -10.10
C GLY B 27 -1.60 9.75 -10.60
N ILE B 28 -1.41 8.62 -9.96
CA ILE B 28 -2.10 7.36 -10.37
C ILE B 28 -3.62 7.58 -10.35
N ALA B 29 -4.14 8.16 -9.27
CA ALA B 29 -5.61 8.42 -9.20
C ALA B 29 -6.01 9.34 -10.36
N PHE B 30 -5.17 10.28 -10.70
CA PHE B 30 -5.47 11.19 -11.85
C PHE B 30 -5.34 10.38 -13.14
N ASN B 31 -6.19 10.66 -14.11
CA ASN B 31 -6.14 9.92 -15.41
C ASN B 31 -6.64 8.47 -15.23
N LYS B 32 -7.48 8.25 -14.25
CA LYS B 32 -8.02 6.87 -14.01
C LYS B 32 -9.18 6.93 -13.00
N LYS B 33 -9.83 5.81 -12.75
CA LYS B 33 -10.97 5.80 -11.79
C LYS B 33 -11.13 4.40 -11.16
N LYS B 34 -12.03 4.27 -10.21
CA LYS B 34 -12.26 2.95 -9.55
C LYS B 34 -12.74 1.93 -10.58
N ASN B 35 -12.13 0.76 -10.55
CA ASN B 35 -12.50 -0.34 -11.50
C ASN B 35 -11.77 -0.16 -12.84
N ASP B 36 -11.15 0.98 -13.07
CA ASP B 36 -10.42 1.20 -14.35
C ASP B 36 -9.01 0.59 -14.22
N ILE B 37 -8.45 0.16 -15.32
CA ILE B 37 -7.08 -0.44 -15.29
C ILE B 37 -6.08 0.62 -14.82
N VAL B 38 -5.07 0.21 -14.11
CA VAL B 38 -4.04 1.18 -13.61
C VAL B 38 -3.08 1.54 -14.74
N ASP B 39 -2.76 2.81 -14.85
CA ASP B 39 -1.80 3.24 -15.92
C ASP B 39 -0.40 2.79 -15.50
N PRO B 40 0.25 2.06 -16.36
CA PRO B 40 1.60 1.52 -16.09
C PRO B 40 2.65 2.64 -16.08
N SER B 41 2.47 3.66 -16.91
CA SER B 41 3.43 4.80 -16.91
C SER B 41 3.38 5.48 -15.54
N LYS B 42 2.24 5.41 -14.88
CA LYS B 42 2.09 6.03 -13.54
C LYS B 42 2.54 5.05 -12.44
N ILE B 43 2.62 3.76 -12.75
CA ILE B 43 3.06 2.75 -11.73
C ILE B 43 4.43 3.17 -11.18
N GLU B 44 4.48 3.46 -9.90
CA GLU B 44 5.76 3.87 -9.26
C GLU B 44 6.14 2.83 -8.19
N LYS B 45 5.15 2.19 -7.59
CA LYS B 45 5.45 1.16 -6.54
C LYS B 45 4.26 0.21 -6.39
N THR B 46 4.49 -1.08 -6.57
CA THR B 46 3.38 -2.07 -6.43
C THR B 46 3.56 -2.83 -5.11
N PHE B 47 2.56 -2.82 -4.27
CA PHE B 47 2.64 -3.54 -2.96
C PHE B 47 1.58 -4.64 -2.88
N ILE B 48 1.91 -5.72 -2.24
CA ILE B 48 0.95 -6.86 -2.09
C ILE B 48 0.93 -7.31 -0.63
N ARG B 49 -0.25 -7.57 -0.10
CA ARG B 49 -0.37 -8.02 1.32
C ARG B 49 0.31 -9.38 1.49
N LYS B 50 1.01 -9.57 2.59
CA LYS B 50 1.70 -10.86 2.84
C LYS B 50 0.68 -12.00 2.88
N ASP B 51 0.70 -12.86 1.88
CA ASP B 51 -0.26 -14.00 1.84
C ASP B 51 0.18 -15.09 2.82
N THR B 52 1.37 -15.60 2.65
CA THR B 52 1.88 -16.67 3.57
C THR B 52 3.39 -16.46 3.82
N PRO B 53 3.83 -16.84 5.00
CA PRO B 53 5.23 -16.71 5.41
C PRO B 53 6.10 -17.79 4.74
N ASP B 54 5.93 -19.02 5.13
CA ASP B 54 6.74 -20.14 4.53
C ASP B 54 5.82 -21.16 3.87
N TYR B 55 4.69 -21.44 4.47
CA TYR B 55 3.74 -22.45 3.90
C TYR B 55 3.28 -22.00 2.51
N MET A 1 9.50 -1.59 11.94
CA MET A 1 8.37 -0.86 11.30
C MET A 1 8.37 0.60 11.75
N LYS A 2 8.34 1.52 10.82
CA LYS A 2 8.34 2.97 11.15
C LYS A 2 7.49 3.74 10.12
N ILE A 3 7.35 5.02 10.31
CA ILE A 3 6.53 5.83 9.36
C ILE A 3 7.46 6.47 8.32
N LYS A 4 7.45 5.95 7.12
CA LYS A 4 8.30 6.49 6.03
C LYS A 4 7.54 7.59 5.30
N ARG A 5 6.27 7.36 5.02
CA ARG A 5 5.45 8.39 4.31
C ARG A 5 4.01 8.34 4.80
N ILE A 6 3.19 9.27 4.37
CA ILE A 6 1.76 9.29 4.79
C ILE A 6 0.87 9.35 3.54
N LEU A 7 0.02 8.38 3.37
CA LEU A 7 -0.89 8.35 2.19
C LEU A 7 -2.16 9.13 2.54
N ASN A 8 -2.73 8.86 3.69
CA ASN A 8 -3.95 9.60 4.15
C ASN A 8 -4.19 9.32 5.64
N HIS A 9 -5.41 9.47 6.13
CA HIS A 9 -5.68 9.23 7.58
C HIS A 9 -5.70 7.73 7.91
N ASN A 10 -5.67 6.87 6.92
CA ASN A 10 -5.70 5.40 7.16
C ASN A 10 -4.53 4.71 6.48
N ALA A 11 -4.07 5.20 5.36
CA ALA A 11 -2.95 4.55 4.66
C ALA A 11 -1.64 5.31 4.91
N ILE A 12 -0.57 4.58 5.08
CA ILE A 12 0.76 5.22 5.33
C ILE A 12 1.86 4.26 4.85
N VAL A 13 2.91 4.81 4.30
CA VAL A 13 4.04 3.95 3.81
C VAL A 13 5.00 3.73 4.98
N VAL A 14 5.12 2.51 5.43
CA VAL A 14 6.03 2.23 6.58
C VAL A 14 7.30 1.53 6.06
N LYS A 15 8.26 1.34 6.94
CA LYS A 15 9.54 0.67 6.54
C LYS A 15 9.98 -0.29 7.65
N ASP A 16 10.16 -1.53 7.29
CA ASP A 16 10.58 -2.55 8.28
C ASP A 16 12.01 -3.04 7.94
N GLN A 17 12.64 -3.70 8.88
CA GLN A 17 14.02 -4.22 8.65
C GLN A 17 14.06 -5.01 7.33
N ASN A 18 13.05 -5.79 7.09
CA ASN A 18 13.00 -6.60 5.84
C ASN A 18 12.94 -5.68 4.61
N GLU A 19 12.02 -4.73 4.59
CA GLU A 19 11.91 -3.80 3.42
C GLU A 19 10.77 -2.81 3.64
N GLU A 20 10.43 -2.05 2.62
CA GLU A 20 9.33 -1.05 2.74
C GLU A 20 7.97 -1.75 2.80
N LYS A 21 7.06 -1.24 3.60
CA LYS A 21 5.70 -1.84 3.72
C LYS A 21 4.64 -0.75 3.61
N ILE A 22 3.39 -1.14 3.61
CA ILE A 22 2.27 -0.15 3.51
C ILE A 22 1.23 -0.50 4.57
N LEU A 23 0.88 0.45 5.41
CA LEU A 23 -0.13 0.18 6.47
C LEU A 23 -1.47 0.82 6.09
N LEU A 24 -2.48 0.01 5.86
CA LEU A 24 -3.82 0.55 5.50
C LEU A 24 -4.81 0.23 6.62
N GLY A 25 -5.06 1.16 7.50
CA GLY A 25 -6.00 0.92 8.63
C GLY A 25 -6.82 2.18 8.89
N ALA A 26 -8.13 2.04 8.89
CA ALA A 26 -9.03 3.22 9.12
C ALA A 26 -8.66 3.89 10.45
N GLY A 27 -7.99 5.00 10.37
CA GLY A 27 -7.58 5.74 11.59
C GLY A 27 -6.10 5.47 11.90
N ILE A 28 -5.39 4.85 10.97
CA ILE A 28 -3.95 4.55 11.18
C ILE A 28 -3.19 5.85 11.43
N ALA A 29 -3.46 6.87 10.64
CA ALA A 29 -2.77 8.19 10.85
C ALA A 29 -3.01 8.63 12.30
N PHE A 30 -4.20 8.39 12.81
CA PHE A 30 -4.50 8.76 14.23
C PHE A 30 -3.70 7.81 15.12
N ASN A 31 -3.06 8.35 16.14
CA ASN A 31 -2.23 7.50 17.05
C ASN A 31 -0.96 7.04 16.31
N LYS A 32 -0.39 7.93 15.52
CA LYS A 32 0.84 7.58 14.76
C LYS A 32 1.59 8.88 14.36
N LYS A 33 2.88 8.76 14.12
CA LYS A 33 3.67 9.98 13.72
C LYS A 33 4.98 9.52 13.05
N LYS A 34 5.69 10.45 12.46
CA LYS A 34 6.98 10.10 11.79
C LYS A 34 7.98 9.59 12.82
N ASN A 35 8.55 8.44 12.57
CA ASN A 35 9.54 7.82 13.51
C ASN A 35 8.83 7.30 14.78
N ASP A 36 7.51 7.26 14.78
CA ASP A 36 6.76 6.76 15.97
C ASP A 36 6.29 5.31 15.75
N ILE A 37 6.61 4.72 14.61
CA ILE A 37 6.18 3.31 14.31
C ILE A 37 4.66 3.23 14.16
N VAL A 38 4.19 2.26 13.41
CA VAL A 38 2.72 2.11 13.19
C VAL A 38 2.09 1.35 14.36
N ASP A 39 0.96 1.82 14.82
CA ASP A 39 0.25 1.13 15.94
C ASP A 39 -0.35 -0.16 15.38
N PRO A 40 -0.09 -1.26 16.05
CA PRO A 40 -0.58 -2.59 15.62
C PRO A 40 -2.09 -2.71 15.82
N SER A 41 -2.62 -2.13 16.87
CA SER A 41 -4.11 -2.18 17.10
C SER A 41 -4.81 -1.47 15.94
N LYS A 42 -4.13 -0.53 15.31
CA LYS A 42 -4.73 0.21 14.16
C LYS A 42 -4.40 -0.50 12.84
N ILE A 43 -3.37 -1.34 12.82
CA ILE A 43 -2.99 -2.06 11.56
C ILE A 43 -4.16 -2.91 11.08
N GLU A 44 -4.79 -2.52 10.01
CA GLU A 44 -5.93 -3.29 9.45
C GLU A 44 -5.46 -4.09 8.23
N LYS A 45 -4.49 -3.56 7.50
CA LYS A 45 -3.99 -4.27 6.28
C LYS A 45 -2.49 -3.96 6.09
N THR A 46 -1.67 -4.98 6.08
CA THR A 46 -0.20 -4.76 5.89
C THR A 46 0.19 -5.16 4.46
N PHE A 47 0.75 -4.23 3.71
CA PHE A 47 1.15 -4.52 2.30
C PHE A 47 2.68 -4.43 2.17
N ILE A 48 3.24 -5.23 1.31
CA ILE A 48 4.72 -5.22 1.11
C ILE A 48 5.02 -5.26 -0.39
N ARG A 49 5.88 -4.39 -0.85
CA ARG A 49 6.23 -4.36 -2.31
C ARG A 49 7.12 -5.55 -2.65
N LYS A 50 6.73 -6.30 -3.66
CA LYS A 50 7.54 -7.49 -4.08
C LYS A 50 8.93 -7.03 -4.54
N ASP A 51 9.96 -7.37 -3.81
CA ASP A 51 11.34 -6.97 -4.20
C ASP A 51 11.77 -7.72 -5.46
N THR A 52 11.80 -9.03 -5.39
CA THR A 52 12.21 -9.84 -6.58
C THR A 52 11.89 -11.33 -6.32
N PRO A 53 11.47 -12.02 -7.36
CA PRO A 53 11.13 -13.45 -7.27
C PRO A 53 12.43 -14.28 -7.29
N ASP A 54 12.82 -14.81 -8.44
CA ASP A 54 14.06 -15.63 -8.54
C ASP A 54 13.92 -16.96 -7.79
N TYR A 55 12.81 -17.20 -7.14
CA TYR A 55 12.61 -18.47 -6.39
C TYR A 55 12.13 -19.58 -7.34
N MET B 1 -5.60 -6.73 -12.59
CA MET B 1 -5.39 -5.49 -11.80
C MET B 1 -6.55 -4.51 -12.04
N LYS B 2 -7.17 -4.04 -10.99
CA LYS B 2 -8.30 -3.08 -11.13
C LYS B 2 -8.28 -2.08 -9.96
N ILE B 3 -9.18 -1.14 -9.98
CA ILE B 3 -9.23 -0.12 -8.87
C ILE B 3 -10.24 -0.58 -7.81
N LYS B 4 -9.75 -1.05 -6.70
CA LYS B 4 -10.64 -1.51 -5.60
C LYS B 4 -10.96 -0.33 -4.68
N ARG B 5 -9.96 0.46 -4.37
CA ARG B 5 -10.17 1.64 -3.47
C ARG B 5 -9.25 2.79 -3.88
N ILE B 6 -9.42 3.95 -3.28
CA ILE B 6 -8.55 5.12 -3.61
C ILE B 6 -7.94 5.67 -2.32
N LEU B 7 -6.64 5.69 -2.23
CA LEU B 7 -5.96 6.21 -1.01
C LEU B 7 -5.78 7.72 -1.18
N ASN B 8 -5.28 8.14 -2.32
CA ASN B 8 -5.10 9.60 -2.59
C ASN B 8 -4.82 9.80 -4.10
N HIS B 9 -4.20 10.90 -4.48
CA HIS B 9 -3.95 11.15 -5.94
C HIS B 9 -2.79 10.27 -6.47
N ASN B 10 -2.11 9.57 -5.61
CA ASN B 10 -0.96 8.72 -6.05
C ASN B 10 -1.13 7.29 -5.53
N ALA B 11 -1.73 7.11 -4.39
CA ALA B 11 -1.90 5.74 -3.84
C ALA B 11 -3.32 5.24 -4.07
N ILE B 12 -3.47 3.98 -4.39
CA ILE B 12 -4.82 3.40 -4.63
C ILE B 12 -4.75 1.89 -4.35
N VAL B 13 -5.80 1.35 -3.78
CA VAL B 13 -5.83 -0.11 -3.49
C VAL B 13 -6.36 -0.84 -4.73
N VAL B 14 -5.53 -1.64 -5.35
CA VAL B 14 -5.97 -2.36 -6.57
C VAL B 14 -6.21 -3.85 -6.23
N LYS B 15 -6.72 -4.59 -7.18
CA LYS B 15 -7.00 -6.04 -6.94
C LYS B 15 -6.60 -6.84 -8.19
N ASP B 16 -5.76 -7.81 -8.02
CA ASP B 16 -5.30 -8.64 -9.16
C ASP B 16 -5.81 -10.08 -8.98
N GLN B 17 -5.77 -10.87 -10.02
CA GLN B 17 -6.23 -12.28 -9.94
C GLN B 17 -5.57 -12.98 -8.75
N ASN B 18 -4.31 -12.72 -8.56
CA ASN B 18 -3.57 -13.34 -7.42
C ASN B 18 -4.16 -12.89 -6.09
N GLU B 19 -4.30 -11.58 -5.88
CA GLU B 19 -4.86 -11.08 -4.60
C GLU B 19 -4.91 -9.54 -4.62
N GLU B 20 -5.22 -8.93 -3.50
CA GLU B 20 -5.29 -7.45 -3.41
C GLU B 20 -3.89 -6.84 -3.48
N LYS B 21 -3.76 -5.71 -4.15
CA LYS B 21 -2.44 -5.03 -4.26
C LYS B 21 -2.59 -3.54 -3.95
N ILE B 22 -1.49 -2.82 -3.94
CA ILE B 22 -1.54 -1.36 -3.64
C ILE B 22 -0.67 -0.64 -4.67
N LEU B 23 -1.23 0.34 -5.36
CA LEU B 23 -0.45 1.08 -6.37
C LEU B 23 -0.07 2.46 -5.84
N LEU B 24 1.20 2.70 -5.66
CA LEU B 24 1.67 4.03 -5.14
C LEU B 24 2.48 4.72 -6.25
N GLY B 25 1.85 5.61 -6.98
CA GLY B 25 2.56 6.33 -8.08
C GLY B 25 2.12 7.79 -8.11
N ALA B 26 3.05 8.70 -8.05
CA ALA B 26 2.70 10.16 -8.07
C ALA B 26 1.88 10.47 -9.32
N GLY B 27 0.60 10.64 -9.14
CA GLY B 27 -0.32 10.95 -10.27
C GLY B 27 -1.07 9.67 -10.70
N ILE B 28 -0.98 8.62 -9.90
CA ILE B 28 -1.68 7.36 -10.24
C ILE B 28 -3.20 7.62 -10.35
N ALA B 29 -3.76 8.36 -9.42
CA ALA B 29 -5.21 8.69 -9.50
C ALA B 29 -5.49 9.34 -10.86
N PHE B 30 -4.59 10.17 -11.32
CA PHE B 30 -4.76 10.81 -12.65
C PHE B 30 -4.61 9.72 -13.72
N ASN B 31 -5.49 9.69 -14.69
CA ASN B 31 -5.43 8.65 -15.76
C ASN B 31 -5.84 7.28 -15.16
N LYS B 32 -6.82 7.31 -14.29
CA LYS B 32 -7.29 6.04 -13.64
C LYS B 32 -8.74 6.22 -13.14
N LYS B 33 -9.46 5.13 -12.98
CA LYS B 33 -10.87 5.21 -12.50
C LYS B 33 -11.31 3.85 -11.95
N LYS B 34 -12.44 3.81 -11.29
CA LYS B 34 -12.95 2.52 -10.73
C LYS B 34 -13.27 1.56 -11.88
N ASN B 35 -12.72 0.38 -11.81
CA ASN B 35 -12.94 -0.65 -12.89
C ASN B 35 -12.18 -0.27 -14.17
N ASP B 36 -11.30 0.71 -14.10
CA ASP B 36 -10.53 1.12 -15.31
C ASP B 36 -9.11 0.56 -15.26
N ILE B 37 -8.78 -0.20 -14.22
CA ILE B 37 -7.41 -0.79 -14.09
C ILE B 37 -6.36 0.30 -13.86
N VAL B 38 -5.26 -0.04 -13.22
CA VAL B 38 -4.20 0.96 -12.94
C VAL B 38 -3.29 1.13 -14.17
N ASP B 39 -2.96 2.35 -14.49
CA ASP B 39 -2.06 2.62 -15.64
C ASP B 39 -0.64 2.19 -15.23
N PRO B 40 -0.01 1.39 -16.06
CA PRO B 40 1.35 0.88 -15.78
C PRO B 40 2.40 1.98 -15.91
N SER B 41 2.22 2.90 -16.84
CA SER B 41 3.19 4.02 -16.98
C SER B 41 3.16 4.87 -15.69
N LYS B 42 2.06 4.86 -14.99
CA LYS B 42 1.93 5.62 -13.71
C LYS B 42 2.35 4.76 -12.53
N ILE B 43 2.35 3.44 -12.67
CA ILE B 43 2.74 2.53 -11.55
C ILE B 43 4.18 2.84 -11.12
N GLU B 44 4.35 3.43 -9.97
CA GLU B 44 5.70 3.74 -9.45
C GLU B 44 6.09 2.73 -8.37
N LYS B 45 5.12 2.24 -7.64
CA LYS B 45 5.42 1.24 -6.56
C LYS B 45 4.25 0.25 -6.41
N THR B 46 4.51 -1.02 -6.59
CA THR B 46 3.42 -2.05 -6.45
C THR B 46 3.57 -2.78 -5.12
N PHE B 47 2.56 -2.72 -4.29
CA PHE B 47 2.61 -3.40 -2.96
C PHE B 47 1.59 -4.53 -2.91
N ILE B 48 1.89 -5.58 -2.19
CA ILE B 48 0.95 -6.74 -2.09
C ILE B 48 0.86 -7.19 -0.62
N ARG B 49 -0.34 -7.38 -0.13
CA ARG B 49 -0.51 -7.82 1.28
C ARG B 49 -0.11 -9.29 1.42
N LYS B 50 0.77 -9.60 2.34
CA LYS B 50 1.21 -11.01 2.52
C LYS B 50 0.02 -11.85 3.00
N ASP B 51 -0.44 -12.76 2.18
CA ASP B 51 -1.60 -13.61 2.55
C ASP B 51 -1.19 -14.58 3.67
N THR B 52 -0.22 -15.42 3.43
CA THR B 52 0.24 -16.38 4.47
C THR B 52 1.56 -17.04 4.02
N PRO B 53 2.44 -17.27 4.99
CA PRO B 53 3.75 -17.89 4.73
C PRO B 53 3.57 -19.42 4.57
N ASP B 54 3.79 -20.20 5.62
CA ASP B 54 3.64 -21.69 5.54
C ASP B 54 4.70 -22.31 4.62
N TYR B 55 5.55 -21.52 4.01
CA TYR B 55 6.61 -22.07 3.11
C TYR B 55 7.82 -22.51 3.94
N MET A 1 9.51 -1.38 12.91
CA MET A 1 8.32 -0.78 12.23
C MET A 1 8.27 0.71 12.52
N LYS A 2 8.30 1.54 11.49
CA LYS A 2 8.24 3.01 11.68
C LYS A 2 7.57 3.65 10.47
N ILE A 3 6.89 4.74 10.67
CA ILE A 3 6.18 5.43 9.55
C ILE A 3 7.18 6.27 8.75
N LYS A 4 7.52 5.82 7.57
CA LYS A 4 8.48 6.57 6.70
C LYS A 4 7.70 7.58 5.85
N ARG A 5 6.51 7.22 5.42
CA ARG A 5 5.69 8.14 4.58
C ARG A 5 4.22 8.05 4.98
N ILE A 6 3.41 8.95 4.46
CA ILE A 6 1.95 8.95 4.78
C ILE A 6 1.16 9.00 3.48
N LEU A 7 0.28 8.05 3.28
CA LEU A 7 -0.54 8.00 2.04
C LEU A 7 -1.83 8.79 2.28
N ASN A 8 -2.47 8.55 3.39
CA ASN A 8 -3.72 9.29 3.74
C ASN A 8 -4.09 9.04 5.20
N HIS A 9 -5.28 9.40 5.62
CA HIS A 9 -5.71 9.21 7.04
C HIS A 9 -5.60 7.74 7.48
N ASN A 10 -5.68 6.80 6.57
CA ASN A 10 -5.61 5.36 6.94
C ASN A 10 -4.40 4.67 6.32
N ALA A 11 -3.95 5.12 5.18
CA ALA A 11 -2.80 4.45 4.51
C ALA A 11 -1.49 5.17 4.82
N ILE A 12 -0.43 4.42 5.05
CA ILE A 12 0.90 5.01 5.34
C ILE A 12 2.00 4.05 4.90
N VAL A 13 3.15 4.56 4.55
CA VAL A 13 4.27 3.66 4.13
C VAL A 13 5.25 3.50 5.28
N VAL A 14 5.45 2.29 5.74
CA VAL A 14 6.39 2.06 6.88
C VAL A 14 7.47 1.05 6.46
N LYS A 15 8.68 1.26 6.91
CA LYS A 15 9.80 0.32 6.56
C LYS A 15 9.84 -0.82 7.57
N ASP A 16 10.30 -1.97 7.14
CA ASP A 16 10.38 -3.15 8.05
C ASP A 16 11.68 -3.94 7.80
N GLN A 17 11.82 -5.05 8.47
CA GLN A 17 13.04 -5.90 8.30
C GLN A 17 13.24 -6.26 6.84
N ASN A 18 12.19 -6.67 6.17
CA ASN A 18 12.31 -7.04 4.74
C ASN A 18 12.76 -5.81 3.93
N GLU A 19 12.04 -4.71 4.05
CA GLU A 19 12.41 -3.47 3.31
C GLU A 19 11.37 -2.38 3.57
N GLU A 20 10.23 -2.49 2.95
CA GLU A 20 9.16 -1.47 3.14
C GLU A 20 7.78 -2.11 3.01
N LYS A 21 6.81 -1.61 3.73
CA LYS A 21 5.43 -2.15 3.67
C LYS A 21 4.42 -1.04 3.97
N ILE A 22 3.33 -1.00 3.24
CA ILE A 22 2.30 0.05 3.47
C ILE A 22 1.26 -0.48 4.46
N LEU A 23 0.97 0.28 5.49
CA LEU A 23 -0.02 -0.17 6.50
C LEU A 23 -1.35 0.57 6.27
N LEU A 24 -2.38 -0.15 5.89
CA LEU A 24 -3.71 0.48 5.67
C LEU A 24 -4.58 0.26 6.91
N GLY A 25 -4.75 1.27 7.73
CA GLY A 25 -5.57 1.14 8.96
C GLY A 25 -6.46 2.37 9.11
N ALA A 26 -7.75 2.18 9.19
CA ALA A 26 -8.69 3.33 9.33
C ALA A 26 -8.29 4.21 10.52
N GLY A 27 -7.67 5.32 10.23
CA GLY A 27 -7.24 6.27 11.30
C GLY A 27 -5.80 5.98 11.76
N ILE A 28 -5.09 5.12 11.06
CA ILE A 28 -3.69 4.80 11.45
C ILE A 28 -2.84 6.08 11.37
N ALA A 29 -3.06 6.91 10.37
CA ALA A 29 -2.30 8.18 10.25
C ALA A 29 -2.59 9.04 11.48
N PHE A 30 -3.83 9.04 11.93
CA PHE A 30 -4.20 9.82 13.14
C PHE A 30 -3.56 9.16 14.36
N ASN A 31 -3.13 9.94 15.32
CA ASN A 31 -2.47 9.37 16.54
C ASN A 31 -1.12 8.74 16.16
N LYS A 32 -0.53 9.22 15.09
CA LYS A 32 0.79 8.68 14.64
C LYS A 32 1.60 9.79 13.94
N LYS A 33 2.83 9.51 13.61
CA LYS A 33 3.68 10.52 12.90
C LYS A 33 4.93 9.83 12.32
N LYS A 34 5.82 10.60 11.72
CA LYS A 34 7.06 10.00 11.11
C LYS A 34 7.91 9.32 12.19
N ASN A 35 8.30 8.09 11.91
CA ASN A 35 9.14 7.30 12.87
C ASN A 35 8.38 7.01 14.18
N ASP A 36 7.06 7.14 14.16
CA ASP A 36 6.26 6.86 15.39
C ASP A 36 5.82 5.39 15.41
N ILE A 37 6.19 4.61 14.42
CA ILE A 37 5.81 3.16 14.36
C ILE A 37 4.30 3.04 14.08
N VAL A 38 3.92 2.12 13.26
CA VAL A 38 2.48 1.94 12.93
C VAL A 38 1.75 1.29 14.10
N ASP A 39 0.62 1.85 14.47
CA ASP A 39 -0.17 1.27 15.59
C ASP A 39 -0.73 -0.09 15.15
N PRO A 40 -0.52 -1.10 15.96
CA PRO A 40 -0.97 -2.47 15.65
C PRO A 40 -2.50 -2.57 15.76
N SER A 41 -3.10 -1.90 16.73
CA SER A 41 -4.58 -1.93 16.87
C SER A 41 -5.20 -1.31 15.60
N LYS A 42 -4.48 -0.39 14.98
CA LYS A 42 -4.98 0.27 13.74
C LYS A 42 -4.60 -0.56 12.51
N ILE A 43 -3.58 -1.40 12.61
CA ILE A 43 -3.16 -2.24 11.44
C ILE A 43 -4.37 -3.04 10.92
N GLU A 44 -4.86 -2.69 9.76
CA GLU A 44 -6.02 -3.40 9.17
C GLU A 44 -5.59 -4.13 7.90
N LYS A 45 -4.57 -3.63 7.23
CA LYS A 45 -4.09 -4.29 5.98
C LYS A 45 -2.58 -4.03 5.81
N THR A 46 -1.79 -5.08 5.88
CA THR A 46 -0.31 -4.91 5.72
C THR A 46 0.12 -5.34 4.31
N PHE A 47 0.65 -4.42 3.54
CA PHE A 47 1.09 -4.73 2.15
C PHE A 47 2.60 -4.51 2.03
N ILE A 48 3.27 -5.39 1.32
CA ILE A 48 4.76 -5.25 1.15
C ILE A 48 5.10 -5.31 -0.34
N ARG A 49 6.11 -4.57 -0.75
CA ARG A 49 6.52 -4.56 -2.18
C ARG A 49 6.95 -5.96 -2.62
N LYS A 50 6.51 -6.39 -3.77
CA LYS A 50 6.88 -7.75 -4.28
C LYS A 50 8.36 -7.74 -4.68
N ASP A 51 9.15 -8.57 -4.03
CA ASP A 51 10.61 -8.64 -4.36
C ASP A 51 10.80 -9.21 -5.76
N THR A 52 10.34 -10.43 -5.97
CA THR A 52 10.48 -11.10 -7.32
C THR A 52 11.90 -10.88 -7.87
N PRO A 53 12.83 -11.67 -7.37
CA PRO A 53 14.25 -11.60 -7.78
C PRO A 53 14.46 -12.31 -9.12
N ASP A 54 14.39 -13.61 -9.13
CA ASP A 54 14.58 -14.38 -10.40
C ASP A 54 13.28 -14.39 -11.20
N TYR A 55 12.15 -14.41 -10.52
CA TYR A 55 10.84 -14.43 -11.22
C TYR A 55 10.52 -13.02 -11.76
N MET B 1 -5.80 -6.47 -13.54
CA MET B 1 -5.46 -5.27 -12.72
C MET B 1 -6.60 -4.25 -12.81
N LYS B 2 -7.18 -3.91 -11.68
CA LYS B 2 -8.28 -2.91 -11.67
C LYS B 2 -8.27 -2.15 -10.33
N ILE B 3 -8.70 -0.92 -10.35
CA ILE B 3 -8.71 -0.10 -9.10
C ILE B 3 -9.95 -0.46 -8.26
N LYS B 4 -9.73 -1.15 -7.17
CA LYS B 4 -10.86 -1.53 -6.28
C LYS B 4 -11.09 -0.42 -5.25
N ARG B 5 -10.04 0.22 -4.80
CA ARG B 5 -10.17 1.32 -3.80
C ARG B 5 -9.19 2.45 -4.11
N ILE B 6 -9.33 3.56 -3.45
CA ILE B 6 -8.42 4.72 -3.67
C ILE B 6 -7.87 5.20 -2.32
N LEU B 7 -6.57 5.24 -2.20
CA LEU B 7 -5.93 5.69 -0.93
C LEU B 7 -5.74 7.21 -0.98
N ASN B 8 -5.22 7.70 -2.07
CA ASN B 8 -5.01 9.17 -2.24
C ASN B 8 -4.68 9.48 -3.70
N HIS B 9 -4.22 10.68 -3.98
CA HIS B 9 -3.89 11.08 -5.40
C HIS B 9 -2.86 10.13 -6.03
N ASN B 10 -2.03 9.49 -5.25
CA ASN B 10 -0.98 8.59 -5.82
C ASN B 10 -1.18 7.14 -5.36
N ALA B 11 -1.75 6.92 -4.20
CA ALA B 11 -1.92 5.53 -3.71
C ALA B 11 -3.34 5.02 -3.99
N ILE B 12 -3.43 3.77 -4.38
CA ILE B 12 -4.76 3.15 -4.69
C ILE B 12 -4.69 1.64 -4.44
N VAL B 13 -5.79 1.02 -4.10
CA VAL B 13 -5.79 -0.45 -3.85
C VAL B 13 -6.36 -1.14 -5.10
N VAL B 14 -5.59 -2.00 -5.71
CA VAL B 14 -6.07 -2.72 -6.93
C VAL B 14 -5.97 -4.24 -6.71
N LYS B 15 -6.93 -4.97 -7.21
CA LYS B 15 -6.90 -6.46 -7.05
C LYS B 15 -6.11 -7.08 -8.20
N ASP B 16 -5.50 -8.21 -7.96
CA ASP B 16 -4.69 -8.89 -9.03
C ASP B 16 -4.89 -10.41 -8.96
N GLN B 17 -4.17 -11.13 -9.78
CA GLN B 17 -4.28 -12.62 -9.81
C GLN B 17 -4.05 -13.19 -8.41
N ASN B 18 -3.01 -12.74 -7.75
CA ASN B 18 -2.72 -13.24 -6.38
C ASN B 18 -3.89 -12.92 -5.45
N GLU B 19 -4.30 -11.67 -5.38
CA GLU B 19 -5.44 -11.28 -4.50
C GLU B 19 -5.63 -9.76 -4.55
N GLU B 20 -4.78 -9.03 -3.89
CA GLU B 20 -4.89 -7.55 -3.86
C GLU B 20 -3.51 -6.90 -3.74
N LYS B 21 -3.33 -5.76 -4.33
CA LYS B 21 -2.03 -5.03 -4.25
C LYS B 21 -2.26 -3.52 -4.34
N ILE B 22 -1.55 -2.76 -3.55
CA ILE B 22 -1.72 -1.28 -3.57
C ILE B 22 -0.71 -0.68 -4.55
N LEU B 23 -1.18 0.14 -5.45
CA LEU B 23 -0.27 0.77 -6.45
C LEU B 23 0.03 2.22 -6.05
N LEU B 24 1.26 2.51 -5.71
CA LEU B 24 1.64 3.90 -5.32
C LEU B 24 2.29 4.59 -6.52
N GLY B 25 1.56 5.46 -7.18
CA GLY B 25 2.11 6.18 -8.37
C GLY B 25 1.71 7.65 -8.30
N ALA B 26 2.68 8.53 -8.33
CA ALA B 26 2.40 9.99 -8.25
C ALA B 26 1.38 10.40 -9.34
N GLY B 27 0.15 10.57 -8.94
CA GLY B 27 -0.92 10.98 -9.90
C GLY B 27 -1.64 9.75 -10.48
N ILE B 28 -1.40 8.56 -9.95
CA ILE B 28 -2.06 7.34 -10.47
C ILE B 28 -3.57 7.48 -10.28
N ALA B 29 -4.01 8.04 -9.17
CA ALA B 29 -5.47 8.23 -8.94
C ALA B 29 -6.02 9.16 -10.02
N PHE B 30 -5.26 10.17 -10.38
CA PHE B 30 -5.70 11.11 -11.44
C PHE B 30 -5.66 10.37 -12.78
N ASN B 31 -6.59 10.66 -13.66
CA ASN B 31 -6.63 9.96 -14.99
C ASN B 31 -6.98 8.47 -14.77
N LYS B 32 -7.73 8.19 -13.73
CA LYS B 32 -8.12 6.77 -13.44
C LYS B 32 -9.40 6.74 -12.60
N LYS B 33 -9.97 5.58 -12.41
CA LYS B 33 -11.22 5.46 -11.60
C LYS B 33 -11.44 3.99 -11.18
N LYS B 34 -12.57 3.69 -10.56
CA LYS B 34 -12.85 2.30 -10.12
C LYS B 34 -12.94 1.35 -11.32
N ASN B 35 -12.23 0.25 -11.24
CA ASN B 35 -12.24 -0.76 -12.34
C ASN B 35 -11.60 -0.18 -13.62
N ASP B 36 -10.88 0.90 -13.51
CA ASP B 36 -10.23 1.51 -14.71
C ASP B 36 -8.81 0.94 -14.91
N ILE B 37 -8.39 0.03 -14.04
CA ILE B 37 -7.03 -0.57 -14.14
C ILE B 37 -5.96 0.48 -13.80
N VAL B 38 -4.95 0.07 -13.08
CA VAL B 38 -3.88 1.02 -12.69
C VAL B 38 -2.99 1.33 -13.90
N ASP B 39 -2.71 2.59 -14.11
CA ASP B 39 -1.83 2.99 -15.24
C ASP B 39 -0.41 2.51 -14.95
N PRO B 40 0.18 1.82 -15.90
CA PRO B 40 1.55 1.27 -15.75
C PRO B 40 2.59 2.40 -15.78
N SER B 41 2.39 3.39 -16.61
CA SER B 41 3.35 4.53 -16.65
C SER B 41 3.34 5.24 -15.28
N LYS B 42 2.22 5.17 -14.60
CA LYS B 42 2.10 5.81 -13.25
C LYS B 42 2.59 4.84 -12.16
N ILE B 43 2.57 3.54 -12.44
CA ILE B 43 3.03 2.54 -11.41
C ILE B 43 4.44 2.90 -10.94
N GLU B 44 4.55 3.34 -9.72
CA GLU B 44 5.88 3.71 -9.14
C GLU B 44 6.24 2.75 -8.01
N LYS B 45 5.25 2.20 -7.34
CA LYS B 45 5.53 1.25 -6.22
C LYS B 45 4.38 0.23 -6.12
N THR B 46 4.67 -1.02 -6.36
CA THR B 46 3.61 -2.08 -6.29
C THR B 46 3.76 -2.85 -4.97
N PHE B 47 2.75 -2.79 -4.13
CA PHE B 47 2.80 -3.52 -2.82
C PHE B 47 1.68 -4.55 -2.76
N ILE B 48 1.97 -5.71 -2.22
CA ILE B 48 0.94 -6.79 -2.13
C ILE B 48 0.86 -7.29 -0.68
N ARG B 49 -0.32 -7.65 -0.24
CA ARG B 49 -0.51 -8.15 1.16
C ARG B 49 0.32 -9.42 1.37
N LYS B 50 1.01 -9.49 2.49
CA LYS B 50 1.84 -10.70 2.79
C LYS B 50 0.93 -11.89 3.09
N ASP B 51 1.02 -12.93 2.29
CA ASP B 51 0.16 -14.13 2.51
C ASP B 51 0.57 -14.83 3.81
N THR B 52 1.81 -15.26 3.90
CA THR B 52 2.33 -15.97 5.12
C THR B 52 1.29 -16.99 5.61
N PRO B 53 1.26 -18.13 4.95
CA PRO B 53 0.34 -19.23 5.27
C PRO B 53 0.83 -20.02 6.50
N ASP B 54 1.88 -20.78 6.34
CA ASP B 54 2.42 -21.58 7.49
C ASP B 54 3.32 -20.69 8.36
N TYR B 55 4.00 -19.75 7.76
CA TYR B 55 4.90 -18.84 8.52
C TYR B 55 4.06 -17.78 9.26
N MET A 1 8.97 -0.97 12.48
CA MET A 1 7.75 -0.58 11.72
C MET A 1 7.45 0.91 11.95
N LYS A 2 8.29 1.77 11.43
CA LYS A 2 8.11 3.23 11.60
C LYS A 2 7.40 3.81 10.37
N ILE A 3 6.93 5.02 10.49
CA ILE A 3 6.22 5.68 9.35
C ILE A 3 7.25 6.26 8.37
N LYS A 4 7.49 5.55 7.29
CA LYS A 4 8.46 6.02 6.26
C LYS A 4 7.79 7.11 5.41
N ARG A 5 6.52 6.95 5.13
CA ARG A 5 5.77 7.96 4.32
C ARG A 5 4.31 7.99 4.76
N ILE A 6 3.54 8.89 4.20
CA ILE A 6 2.09 9.00 4.56
C ILE A 6 1.25 9.00 3.28
N LEU A 7 0.30 8.11 3.21
CA LEU A 7 -0.58 8.03 2.02
C LEU A 7 -1.84 8.84 2.28
N ASN A 8 -2.45 8.64 3.42
CA ASN A 8 -3.68 9.42 3.80
C ASN A 8 -3.98 9.20 5.29
N HIS A 9 -5.18 9.48 5.74
CA HIS A 9 -5.52 9.32 7.19
C HIS A 9 -5.52 7.83 7.60
N ASN A 10 -5.61 6.93 6.66
CA ASN A 10 -5.65 5.47 7.00
C ASN A 10 -4.46 4.74 6.38
N ALA A 11 -3.99 5.17 5.24
CA ALA A 11 -2.85 4.47 4.60
C ALA A 11 -1.54 5.20 4.88
N ILE A 12 -0.50 4.45 5.17
CA ILE A 12 0.83 5.06 5.45
C ILE A 12 1.93 4.08 5.04
N VAL A 13 3.02 4.59 4.52
CA VAL A 13 4.14 3.70 4.10
C VAL A 13 5.04 3.46 5.31
N VAL A 14 5.16 2.22 5.74
CA VAL A 14 6.02 1.91 6.91
C VAL A 14 7.17 1.01 6.48
N LYS A 15 8.31 1.14 7.11
CA LYS A 15 9.49 0.28 6.76
C LYS A 15 9.69 -0.80 7.82
N ASP A 16 10.10 -1.96 7.39
CA ASP A 16 10.33 -3.08 8.33
C ASP A 16 11.72 -3.70 8.07
N GLN A 17 12.05 -4.76 8.78
CA GLN A 17 13.38 -5.41 8.59
C GLN A 17 13.55 -5.89 7.15
N ASN A 18 12.54 -6.51 6.61
CA ASN A 18 12.64 -7.02 5.21
C ASN A 18 12.82 -5.86 4.22
N GLU A 19 11.96 -4.87 4.27
CA GLU A 19 12.08 -3.72 3.31
C GLU A 19 10.93 -2.72 3.55
N GLU A 20 10.47 -2.06 2.53
CA GLU A 20 9.35 -1.08 2.69
C GLU A 20 8.02 -1.81 2.87
N LYS A 21 7.03 -1.14 3.41
CA LYS A 21 5.70 -1.77 3.65
C LYS A 21 4.60 -0.72 3.48
N ILE A 22 3.37 -1.14 3.64
CA ILE A 22 2.21 -0.22 3.52
C ILE A 22 1.18 -0.58 4.58
N LEU A 23 0.88 0.33 5.48
CA LEU A 23 -0.11 0.04 6.54
C LEU A 23 -1.43 0.74 6.22
N LEU A 24 -2.46 -0.02 5.93
CA LEU A 24 -3.79 0.57 5.60
C LEU A 24 -4.75 0.32 6.77
N GLY A 25 -4.84 1.26 7.68
CA GLY A 25 -5.75 1.10 8.86
C GLY A 25 -6.58 2.37 9.01
N ALA A 26 -7.88 2.24 9.03
CA ALA A 26 -8.77 3.44 9.17
C ALA A 26 -8.39 4.26 10.41
N GLY A 27 -7.68 5.33 10.19
CA GLY A 27 -7.25 6.21 11.31
C GLY A 27 -5.82 5.90 11.75
N ILE A 28 -5.09 5.09 11.02
CA ILE A 28 -3.69 4.76 11.41
C ILE A 28 -2.85 6.05 11.38
N ALA A 29 -3.08 6.91 10.42
CA ALA A 29 -2.32 8.20 10.36
C ALA A 29 -2.56 8.97 11.65
N PHE A 30 -3.78 8.94 12.15
CA PHE A 30 -4.09 9.63 13.43
C PHE A 30 -3.37 8.90 14.57
N ASN A 31 -2.81 9.62 15.49
CA ASN A 31 -2.08 8.99 16.64
C ASN A 31 -0.74 8.40 16.14
N LYS A 32 -0.16 9.02 15.15
CA LYS A 32 1.14 8.53 14.60
C LYS A 32 1.89 9.67 13.89
N LYS A 33 3.18 9.51 13.70
CA LYS A 33 3.98 10.56 13.01
C LYS A 33 5.21 9.93 12.35
N LYS A 34 5.99 10.74 11.65
CA LYS A 34 7.21 10.20 10.96
C LYS A 34 8.17 9.59 11.97
N ASN A 35 8.65 8.41 11.67
CA ASN A 35 9.62 7.69 12.56
C ASN A 35 8.89 7.05 13.77
N ASP A 36 7.59 7.14 13.83
CA ASP A 36 6.84 6.54 14.97
C ASP A 36 6.41 5.12 14.59
N ILE A 37 6.34 4.23 15.55
CA ILE A 37 5.91 2.83 15.25
C ILE A 37 4.41 2.81 14.95
N VAL A 38 4.01 1.96 14.04
CA VAL A 38 2.56 1.87 13.68
C VAL A 38 1.81 1.05 14.73
N ASP A 39 0.71 1.58 15.21
CA ASP A 39 -0.10 0.85 16.23
C ASP A 39 -0.72 -0.37 15.56
N PRO A 40 -0.57 -1.52 16.17
CA PRO A 40 -1.11 -2.79 15.62
C PRO A 40 -2.63 -2.83 15.72
N SER A 41 -3.20 -2.26 16.77
CA SER A 41 -4.69 -2.25 16.89
C SER A 41 -5.26 -1.48 15.68
N LYS A 42 -4.52 -0.51 15.19
CA LYS A 42 -4.98 0.28 14.00
C LYS A 42 -4.61 -0.48 12.71
N ILE A 43 -3.57 -1.29 12.75
CA ILE A 43 -3.16 -2.06 11.52
C ILE A 43 -4.33 -2.90 11.03
N GLU A 44 -4.90 -2.52 9.92
CA GLU A 44 -6.05 -3.28 9.34
C GLU A 44 -5.58 -4.06 8.12
N LYS A 45 -4.62 -3.53 7.40
CA LYS A 45 -4.10 -4.22 6.18
C LYS A 45 -2.59 -3.99 6.04
N THR A 46 -1.84 -5.05 5.88
CA THR A 46 -0.36 -4.92 5.73
C THR A 46 0.05 -5.28 4.30
N PHE A 47 0.68 -4.36 3.60
CA PHE A 47 1.10 -4.64 2.19
C PHE A 47 2.60 -4.42 2.04
N ILE A 48 3.28 -5.36 1.44
CA ILE A 48 4.75 -5.25 1.23
C ILE A 48 5.06 -5.37 -0.26
N ARG A 49 6.06 -4.66 -0.75
CA ARG A 49 6.41 -4.74 -2.20
C ARG A 49 6.73 -6.19 -2.58
N LYS A 50 5.86 -6.82 -3.34
CA LYS A 50 6.10 -8.24 -3.74
C LYS A 50 6.18 -8.32 -5.27
N ASP A 51 7.22 -8.97 -5.77
CA ASP A 51 7.39 -9.10 -7.24
C ASP A 51 8.42 -10.20 -7.54
N THR A 52 9.64 -10.01 -7.11
CA THR A 52 10.71 -11.04 -7.35
C THR A 52 11.67 -11.07 -6.16
N PRO A 53 12.07 -12.27 -5.78
CA PRO A 53 13.01 -12.48 -4.66
C PRO A 53 14.45 -12.16 -5.07
N ASP A 54 15.02 -12.93 -5.96
CA ASP A 54 16.42 -12.68 -6.41
C ASP A 54 16.46 -12.55 -7.95
N TYR A 55 15.94 -13.53 -8.64
CA TYR A 55 15.94 -13.50 -10.14
C TYR A 55 15.10 -12.30 -10.65
N MET B 1 -5.75 -5.86 -13.01
CA MET B 1 -5.23 -4.77 -12.13
C MET B 1 -6.20 -3.59 -12.16
N LYS B 2 -7.36 -3.76 -11.57
CA LYS B 2 -8.38 -2.68 -11.54
C LYS B 2 -8.30 -1.94 -10.21
N ILE B 3 -8.93 -0.79 -10.14
CA ILE B 3 -8.92 0.00 -8.87
C ILE B 3 -9.96 -0.56 -7.89
N LYS B 4 -9.49 -1.31 -6.92
CA LYS B 4 -10.40 -1.90 -5.90
C LYS B 4 -10.75 -0.82 -4.88
N ARG B 5 -9.81 0.02 -4.55
CA ARG B 5 -10.05 1.11 -3.56
C ARG B 5 -9.16 2.31 -3.90
N ILE B 6 -9.35 3.41 -3.19
CA ILE B 6 -8.54 4.63 -3.46
C ILE B 6 -7.91 5.11 -2.14
N LEU B 7 -6.61 5.27 -2.13
CA LEU B 7 -5.91 5.74 -0.91
C LEU B 7 -5.75 7.25 -0.98
N ASN B 8 -5.28 7.74 -2.10
CA ASN B 8 -5.12 9.22 -2.29
C ASN B 8 -4.85 9.51 -3.78
N HIS B 9 -4.34 10.67 -4.11
CA HIS B 9 -4.09 11.02 -5.55
C HIS B 9 -2.97 10.15 -6.15
N ASN B 10 -2.15 9.52 -5.33
CA ASN B 10 -1.03 8.69 -5.85
C ASN B 10 -1.19 7.22 -5.41
N ALA B 11 -1.75 6.98 -4.26
CA ALA B 11 -1.90 5.59 -3.77
C ALA B 11 -3.30 5.08 -4.07
N ILE B 12 -3.39 3.87 -4.58
CA ILE B 12 -4.71 3.26 -4.91
C ILE B 12 -4.65 1.75 -4.63
N VAL B 13 -5.71 1.19 -4.10
CA VAL B 13 -5.71 -0.28 -3.84
C VAL B 13 -6.18 -0.99 -5.11
N VAL B 14 -5.34 -1.79 -5.69
CA VAL B 14 -5.73 -2.51 -6.94
C VAL B 14 -5.74 -4.02 -6.69
N LYS B 15 -6.60 -4.73 -7.38
CA LYS B 15 -6.68 -6.21 -7.22
C LYS B 15 -6.05 -6.91 -8.42
N ASP B 16 -5.39 -8.01 -8.18
CA ASP B 16 -4.74 -8.77 -9.28
C ASP B 16 -5.13 -10.25 -9.19
N GLN B 17 -4.58 -11.08 -10.04
CA GLN B 17 -4.91 -12.54 -10.03
C GLN B 17 -4.57 -13.16 -8.68
N ASN B 18 -3.41 -12.85 -8.17
CA ASN B 18 -2.98 -13.42 -6.86
C ASN B 18 -3.92 -12.96 -5.73
N GLU B 19 -4.15 -11.68 -5.60
CA GLU B 19 -5.04 -11.17 -4.50
C GLU B 19 -5.09 -9.64 -4.55
N GLU B 20 -5.24 -8.99 -3.41
CA GLU B 20 -5.28 -7.50 -3.37
C GLU B 20 -3.88 -6.92 -3.57
N LYS B 21 -3.81 -5.67 -3.96
CA LYS B 21 -2.49 -5.01 -4.19
C LYS B 21 -2.58 -3.52 -3.83
N ILE B 22 -1.48 -2.83 -3.97
CA ILE B 22 -1.45 -1.37 -3.65
C ILE B 22 -0.58 -0.67 -4.69
N LEU B 23 -1.15 0.25 -5.43
CA LEU B 23 -0.37 0.97 -6.47
C LEU B 23 -0.03 2.39 -5.97
N LEU B 24 1.22 2.66 -5.73
CA LEU B 24 1.63 4.01 -5.25
C LEU B 24 2.37 4.74 -6.38
N GLY B 25 1.64 5.52 -7.14
CA GLY B 25 2.26 6.28 -8.27
C GLY B 25 1.80 7.73 -8.21
N ALA B 26 2.73 8.65 -8.17
CA ALA B 26 2.38 10.10 -8.09
C ALA B 26 1.42 10.48 -9.23
N GLY B 27 0.15 10.58 -8.91
CA GLY B 27 -0.87 10.96 -9.93
C GLY B 27 -1.57 9.72 -10.50
N ILE B 28 -1.35 8.54 -9.93
CA ILE B 28 -2.02 7.32 -10.44
C ILE B 28 -3.54 7.46 -10.29
N ALA B 29 -4.00 8.05 -9.20
CA ALA B 29 -5.46 8.25 -9.00
C ALA B 29 -6.00 9.10 -10.17
N PHE B 30 -5.23 10.07 -10.59
CA PHE B 30 -5.65 10.93 -11.74
C PHE B 30 -5.61 10.07 -13.01
N ASN B 31 -6.59 10.22 -13.86
CA ASN B 31 -6.64 9.41 -15.13
C ASN B 31 -7.01 7.96 -14.81
N LYS B 32 -7.79 7.76 -13.77
CA LYS B 32 -8.21 6.38 -13.38
C LYS B 32 -9.52 6.42 -12.57
N LYS B 33 -10.20 5.31 -12.48
CA LYS B 33 -11.48 5.26 -11.72
C LYS B 33 -11.74 3.84 -11.20
N LYS B 34 -12.80 3.65 -10.46
CA LYS B 34 -13.12 2.29 -9.92
C LYS B 34 -13.33 1.30 -11.06
N ASN B 35 -12.71 0.15 -10.95
CA ASN B 35 -12.83 -0.92 -11.99
C ASN B 35 -11.96 -0.61 -13.23
N ASP B 36 -11.20 0.46 -13.20
CA ASP B 36 -10.34 0.80 -14.35
C ASP B 36 -8.94 0.20 -14.14
N ILE B 37 -8.27 -0.17 -15.21
CA ILE B 37 -6.91 -0.77 -15.07
C ILE B 37 -5.92 0.33 -14.68
N VAL B 38 -4.95 -0.01 -13.87
CA VAL B 38 -3.93 1.00 -13.44
C VAL B 38 -2.90 1.20 -14.55
N ASP B 39 -2.64 2.44 -14.89
CA ASP B 39 -1.63 2.74 -15.94
C ASP B 39 -0.24 2.37 -15.40
N PRO B 40 0.50 1.61 -16.17
CA PRO B 40 1.85 1.16 -15.78
C PRO B 40 2.85 2.32 -15.79
N SER B 41 2.71 3.25 -16.70
CA SER B 41 3.63 4.42 -16.74
C SER B 41 3.49 5.18 -15.41
N LYS B 42 2.31 5.15 -14.83
CA LYS B 42 2.07 5.84 -13.52
C LYS B 42 2.49 4.92 -12.37
N ILE B 43 2.46 3.61 -12.57
CA ILE B 43 2.86 2.65 -11.49
C ILE B 43 4.29 2.96 -11.05
N GLU B 44 4.43 3.49 -9.87
CA GLU B 44 5.79 3.82 -9.33
C GLU B 44 6.16 2.81 -8.23
N LYS B 45 5.18 2.31 -7.52
CA LYS B 45 5.47 1.32 -6.44
C LYS B 45 4.34 0.29 -6.35
N THR B 46 4.69 -0.98 -6.38
CA THR B 46 3.65 -2.05 -6.32
C THR B 46 3.76 -2.78 -4.96
N PHE B 47 2.70 -2.78 -4.19
CA PHE B 47 2.74 -3.46 -2.86
C PHE B 47 1.62 -4.50 -2.77
N ILE B 48 1.96 -5.69 -2.35
CA ILE B 48 0.93 -6.77 -2.21
C ILE B 48 0.94 -7.29 -0.77
N ARG B 49 -0.20 -7.67 -0.26
CA ARG B 49 -0.29 -8.18 1.14
C ARG B 49 0.65 -9.39 1.31
N LYS B 50 1.74 -9.21 2.02
CA LYS B 50 2.70 -10.33 2.22
C LYS B 50 2.82 -10.66 3.72
N ASP B 51 2.67 -11.91 4.07
CA ASP B 51 2.77 -12.33 5.50
C ASP B 51 2.98 -13.84 5.58
N THR B 52 2.03 -14.61 5.10
CA THR B 52 2.15 -16.10 5.15
C THR B 52 1.49 -16.71 3.91
N PRO B 53 2.12 -17.72 3.35
CA PRO B 53 1.62 -18.42 2.15
C PRO B 53 0.47 -19.38 2.51
N ASP B 54 0.77 -20.41 3.26
CA ASP B 54 -0.29 -21.39 3.67
C ASP B 54 -0.31 -21.54 5.19
N TYR B 55 0.81 -21.86 5.78
CA TYR B 55 0.88 -22.03 7.26
C TYR B 55 0.54 -20.71 7.98
N MET A 1 8.57 -0.88 13.70
CA MET A 1 7.80 -0.47 12.48
C MET A 1 7.37 0.99 12.62
N LYS A 2 8.09 1.88 12.00
CA LYS A 2 7.75 3.33 12.08
C LYS A 2 7.10 3.79 10.77
N ILE A 3 6.55 4.98 10.78
CA ILE A 3 5.88 5.52 9.56
C ILE A 3 6.92 6.28 8.72
N LYS A 4 7.28 5.72 7.59
CA LYS A 4 8.27 6.38 6.70
C LYS A 4 7.54 7.41 5.82
N ARG A 5 6.31 7.13 5.45
CA ARG A 5 5.53 8.06 4.61
C ARG A 5 4.04 7.97 4.96
N ILE A 6 3.27 8.95 4.57
CA ILE A 6 1.81 8.93 4.88
C ILE A 6 1.02 9.05 3.58
N LEU A 7 0.17 8.07 3.32
CA LEU A 7 -0.67 8.09 2.09
C LEU A 7 -1.92 8.91 2.36
N ASN A 8 -2.57 8.64 3.46
CA ASN A 8 -3.79 9.42 3.86
C ASN A 8 -3.99 9.28 5.38
N HIS A 9 -5.21 9.35 5.87
CA HIS A 9 -5.43 9.24 7.34
C HIS A 9 -5.50 7.76 7.78
N ASN A 10 -5.22 6.84 6.88
CA ASN A 10 -5.28 5.39 7.20
C ASN A 10 -4.10 4.65 6.56
N ALA A 11 -3.80 4.95 5.33
CA ALA A 11 -2.68 4.26 4.64
C ALA A 11 -1.38 5.03 4.85
N ILE A 12 -0.32 4.31 5.13
CA ILE A 12 1.00 4.96 5.36
C ILE A 12 2.12 4.00 4.94
N VAL A 13 3.20 4.51 4.40
CA VAL A 13 4.32 3.61 3.98
C VAL A 13 5.26 3.41 5.18
N VAL A 14 5.23 2.25 5.77
CA VAL A 14 6.11 1.99 6.96
C VAL A 14 7.26 1.05 6.55
N LYS A 15 8.22 0.87 7.43
CA LYS A 15 9.36 -0.03 7.12
C LYS A 15 9.51 -1.09 8.22
N ASP A 16 10.08 -2.21 7.88
CA ASP A 16 10.26 -3.30 8.88
C ASP A 16 11.60 -4.01 8.62
N GLN A 17 11.92 -5.00 9.42
CA GLN A 17 13.20 -5.75 9.26
C GLN A 17 13.29 -6.30 7.83
N ASN A 18 12.22 -6.87 7.34
CA ASN A 18 12.23 -7.44 5.97
C ASN A 18 12.41 -6.32 4.93
N GLU A 19 11.59 -5.30 4.98
CA GLU A 19 11.70 -4.18 4.00
C GLU A 19 10.54 -3.19 4.20
N GLU A 20 10.31 -2.34 3.23
CA GLU A 20 9.19 -1.35 3.33
C GLU A 20 7.84 -2.05 3.15
N LYS A 21 6.83 -1.59 3.84
CA LYS A 21 5.48 -2.23 3.74
C LYS A 21 4.39 -1.15 3.91
N ILE A 22 3.32 -1.26 3.16
CA ILE A 22 2.21 -0.26 3.27
C ILE A 22 1.29 -0.67 4.42
N LEU A 23 0.96 0.27 5.27
CA LEU A 23 0.08 -0.03 6.43
C LEU A 23 -1.27 0.67 6.24
N LEU A 24 -2.30 -0.09 5.93
CA LEU A 24 -3.65 0.51 5.73
C LEU A 24 -4.49 0.26 6.98
N GLY A 25 -4.88 1.30 7.66
CA GLY A 25 -5.71 1.14 8.90
C GLY A 25 -6.51 2.43 9.14
N ALA A 26 -7.81 2.32 9.20
CA ALA A 26 -8.67 3.52 9.42
C ALA A 26 -8.24 4.25 10.70
N GLY A 27 -7.59 5.38 10.53
CA GLY A 27 -7.12 6.18 11.70
C GLY A 27 -5.63 5.91 11.99
N ILE A 28 -5.00 5.08 11.19
CA ILE A 28 -3.56 4.76 11.39
C ILE A 28 -2.74 6.07 11.37
N ALA A 29 -2.99 6.93 10.41
CA ALA A 29 -2.24 8.22 10.35
C ALA A 29 -2.48 9.01 11.64
N PHE A 30 -3.69 8.97 12.16
CA PHE A 30 -3.99 9.68 13.42
C PHE A 30 -3.32 8.93 14.58
N ASN A 31 -2.80 9.64 15.54
CA ASN A 31 -2.12 9.00 16.71
C ASN A 31 -0.76 8.39 16.27
N LYS A 32 -0.17 8.95 15.25
CA LYS A 32 1.15 8.43 14.76
C LYS A 32 1.91 9.54 14.02
N LYS A 33 3.18 9.35 13.76
CA LYS A 33 3.98 10.39 13.04
C LYS A 33 5.21 9.75 12.36
N LYS A 34 5.99 10.55 11.68
CA LYS A 34 7.20 10.03 10.98
C LYS A 34 8.20 9.49 12.00
N ASN A 35 8.67 8.29 11.78
CA ASN A 35 9.65 7.63 12.69
C ASN A 35 8.97 7.14 13.98
N ASP A 36 7.67 7.31 14.10
CA ASP A 36 6.95 6.84 15.32
C ASP A 36 6.41 5.43 15.06
N ILE A 37 6.47 4.58 16.05
CA ILE A 37 5.97 3.18 15.88
C ILE A 37 4.46 3.20 15.68
N VAL A 38 3.96 2.33 14.84
CA VAL A 38 2.49 2.28 14.58
C VAL A 38 1.83 1.24 15.49
N ASP A 39 0.73 1.61 16.08
CA ASP A 39 -0.01 0.66 16.97
C ASP A 39 -0.55 -0.48 16.09
N PRO A 40 -0.40 -1.69 16.57
CA PRO A 40 -0.86 -2.89 15.82
C PRO A 40 -2.39 -2.96 15.78
N SER A 41 -3.05 -2.53 16.83
CA SER A 41 -4.54 -2.54 16.83
C SER A 41 -5.03 -1.62 15.71
N LYS A 42 -4.28 -0.59 15.42
CA LYS A 42 -4.66 0.36 14.32
C LYS A 42 -4.27 -0.24 12.95
N ILE A 43 -3.34 -1.18 12.93
CA ILE A 43 -2.93 -1.79 11.64
C ILE A 43 -4.03 -2.75 11.15
N GLU A 44 -4.75 -2.33 10.16
CA GLU A 44 -5.84 -3.18 9.60
C GLU A 44 -5.26 -4.08 8.50
N LYS A 45 -4.33 -3.55 7.73
CA LYS A 45 -3.71 -4.35 6.63
C LYS A 45 -2.21 -4.05 6.54
N THR A 46 -1.45 -4.99 6.02
CA THR A 46 0.03 -4.80 5.88
C THR A 46 0.45 -5.32 4.50
N PHE A 47 0.76 -4.43 3.59
CA PHE A 47 1.18 -4.85 2.22
C PHE A 47 2.69 -4.67 2.06
N ILE A 48 3.30 -5.52 1.28
CA ILE A 48 4.78 -5.43 1.06
C ILE A 48 5.09 -5.59 -0.44
N ARG A 49 5.98 -4.78 -0.96
CA ARG A 49 6.33 -4.87 -2.41
C ARG A 49 6.83 -6.28 -2.76
N LYS A 50 6.42 -6.78 -3.90
CA LYS A 50 6.85 -8.15 -4.33
C LYS A 50 8.37 -8.21 -4.43
N ASP A 51 8.99 -8.97 -3.57
CA ASP A 51 10.49 -9.09 -3.59
C ASP A 51 10.94 -9.86 -4.83
N THR A 52 10.25 -10.94 -5.15
CA THR A 52 10.63 -11.75 -6.36
C THR A 52 10.30 -10.96 -7.64
N PRO A 53 11.12 -11.15 -8.66
CA PRO A 53 10.95 -10.47 -9.95
C PRO A 53 9.81 -11.11 -10.76
N ASP A 54 9.98 -12.36 -11.14
CA ASP A 54 8.92 -13.07 -11.93
C ASP A 54 8.25 -14.13 -11.05
N TYR A 55 9.04 -15.00 -10.46
CA TYR A 55 8.46 -16.08 -9.59
C TYR A 55 9.00 -15.91 -8.15
N MET B 1 -5.45 -5.29 -14.29
CA MET B 1 -5.24 -4.61 -12.98
C MET B 1 -6.11 -3.36 -12.90
N LYS B 2 -7.23 -3.45 -12.23
CA LYS B 2 -8.15 -2.28 -12.12
C LYS B 2 -8.03 -1.66 -10.72
N ILE B 3 -8.61 -0.52 -10.53
CA ILE B 3 -8.57 0.17 -9.21
C ILE B 3 -9.76 -0.27 -8.36
N LYS B 4 -9.51 -1.06 -7.35
CA LYS B 4 -10.60 -1.53 -6.45
C LYS B 4 -10.90 -0.45 -5.41
N ARG B 5 -9.89 0.26 -4.98
CA ARG B 5 -10.08 1.33 -3.96
C ARG B 5 -9.08 2.47 -4.21
N ILE B 6 -9.34 3.62 -3.64
CA ILE B 6 -8.43 4.78 -3.83
C ILE B 6 -7.94 5.28 -2.47
N LEU B 7 -6.65 5.29 -2.26
CA LEU B 7 -6.08 5.77 -0.98
C LEU B 7 -5.94 7.28 -1.03
N ASN B 8 -5.37 7.79 -2.11
CA ASN B 8 -5.23 9.25 -2.29
C ASN B 8 -5.05 9.55 -3.80
N HIS B 9 -4.37 10.61 -4.17
CA HIS B 9 -4.20 10.92 -5.63
C HIS B 9 -3.03 10.11 -6.23
N ASN B 10 -2.44 9.22 -5.46
CA ASN B 10 -1.29 8.41 -5.95
C ASN B 10 -1.44 6.95 -5.53
N ALA B 11 -1.81 6.72 -4.29
CA ALA B 11 -1.96 5.32 -3.81
C ALA B 11 -3.39 4.83 -4.04
N ILE B 12 -3.51 3.60 -4.46
CA ILE B 12 -4.86 3.01 -4.73
C ILE B 12 -4.80 1.49 -4.52
N VAL B 13 -5.84 0.90 -4.00
CA VAL B 13 -5.84 -0.58 -3.79
C VAL B 13 -6.33 -1.25 -5.09
N VAL B 14 -5.44 -1.88 -5.81
CA VAL B 14 -5.84 -2.55 -7.08
C VAL B 14 -5.82 -4.08 -6.88
N LYS B 15 -6.32 -4.81 -7.85
CA LYS B 15 -6.34 -6.29 -7.75
C LYS B 15 -5.65 -6.91 -8.97
N ASP B 16 -5.14 -8.09 -8.83
CA ASP B 16 -4.45 -8.78 -9.96
C ASP B 16 -4.74 -10.29 -9.89
N GLN B 17 -4.20 -11.03 -10.83
CA GLN B 17 -4.41 -12.51 -10.86
C GLN B 17 -3.99 -13.13 -9.52
N ASN B 18 -2.85 -12.73 -9.02
CA ASN B 18 -2.36 -13.27 -7.73
C ASN B 18 -3.30 -12.87 -6.58
N GLU B 19 -3.57 -11.58 -6.44
CA GLU B 19 -4.47 -11.11 -5.35
C GLU B 19 -4.51 -9.58 -5.33
N GLU B 20 -4.98 -8.99 -4.25
CA GLU B 20 -5.05 -7.51 -4.14
C GLU B 20 -3.65 -6.93 -3.93
N LYS B 21 -3.39 -5.77 -4.48
CA LYS B 21 -2.06 -5.13 -4.34
C LYS B 21 -2.21 -3.60 -4.28
N ILE B 22 -1.42 -2.95 -3.47
CA ILE B 22 -1.48 -1.46 -3.36
C ILE B 22 -0.64 -0.84 -4.48
N LEU B 23 -1.20 0.10 -5.20
CA LEU B 23 -0.45 0.76 -6.30
C LEU B 23 -0.13 2.20 -5.93
N LEU B 24 1.12 2.48 -5.63
CA LEU B 24 1.52 3.87 -5.25
C LEU B 24 2.17 4.54 -6.46
N GLY B 25 1.52 5.54 -7.02
CA GLY B 25 2.09 6.25 -8.20
C GLY B 25 1.63 7.70 -8.18
N ALA B 26 2.57 8.62 -8.13
CA ALA B 26 2.21 10.07 -8.09
C ALA B 26 1.30 10.43 -9.28
N GLY B 27 0.03 10.57 -9.01
CA GLY B 27 -0.95 10.93 -10.08
C GLY B 27 -1.67 9.68 -10.60
N ILE B 28 -1.40 8.51 -10.06
CA ILE B 28 -2.08 7.28 -10.53
C ILE B 28 -3.60 7.42 -10.34
N ALA B 29 -4.03 8.00 -9.23
CA ALA B 29 -5.50 8.20 -9.02
C ALA B 29 -6.05 9.07 -10.15
N PHE B 30 -5.28 10.04 -10.60
CA PHE B 30 -5.72 10.90 -11.73
C PHE B 30 -5.61 10.10 -13.03
N ASN B 31 -6.55 10.27 -13.93
CA ASN B 31 -6.53 9.52 -15.23
C ASN B 31 -6.89 8.04 -14.98
N LYS B 32 -7.64 7.77 -13.94
CA LYS B 32 -8.05 6.37 -13.63
C LYS B 32 -9.35 6.37 -12.81
N LYS B 33 -9.99 5.23 -12.70
CA LYS B 33 -11.27 5.16 -11.92
C LYS B 33 -11.51 3.72 -11.43
N LYS B 34 -12.60 3.51 -10.72
CA LYS B 34 -12.92 2.15 -10.18
C LYS B 34 -13.18 1.18 -11.34
N ASN B 35 -12.53 0.04 -11.29
CA ASN B 35 -12.68 -1.00 -12.35
C ASN B 35 -11.93 -0.60 -13.63
N ASP B 36 -11.25 0.53 -13.63
CA ASP B 36 -10.49 0.96 -14.84
C ASP B 36 -9.04 0.46 -14.70
N ILE B 37 -8.46 0.03 -15.79
CA ILE B 37 -7.05 -0.46 -15.74
C ILE B 37 -6.10 0.69 -15.42
N VAL B 38 -5.08 0.42 -14.65
CA VAL B 38 -4.11 1.49 -14.28
C VAL B 38 -2.92 1.48 -15.25
N ASP B 39 -2.54 2.64 -15.70
CA ASP B 39 -1.37 2.74 -16.63
C ASP B 39 -0.12 2.34 -15.86
N PRO B 40 0.72 1.53 -16.47
CA PRO B 40 1.95 1.03 -15.83
C PRO B 40 2.98 2.16 -15.70
N SER B 41 3.01 3.08 -16.63
CA SER B 41 3.97 4.23 -16.53
C SER B 41 3.62 5.03 -15.27
N LYS B 42 2.35 5.04 -14.91
CA LYS B 42 1.92 5.78 -13.69
C LYS B 42 2.18 4.91 -12.44
N ILE B 43 2.33 3.62 -12.61
CA ILE B 43 2.60 2.72 -11.43
C ILE B 43 4.04 2.91 -10.97
N GLU B 44 4.23 3.59 -9.88
CA GLU B 44 5.59 3.81 -9.34
C GLU B 44 5.96 2.66 -8.41
N LYS B 45 5.00 2.17 -7.66
CA LYS B 45 5.27 1.04 -6.72
C LYS B 45 4.11 0.06 -6.72
N THR B 46 4.37 -1.18 -6.38
CA THR B 46 3.31 -2.23 -6.34
C THR B 46 3.49 -3.08 -5.07
N PHE B 47 2.65 -2.89 -4.09
CA PHE B 47 2.77 -3.65 -2.81
C PHE B 47 1.68 -4.73 -2.75
N ILE B 48 1.98 -5.85 -2.14
CA ILE B 48 0.98 -6.95 -2.02
C ILE B 48 0.99 -7.50 -0.59
N ARG B 49 -0.17 -7.76 -0.03
CA ARG B 49 -0.26 -8.30 1.36
C ARG B 49 0.53 -9.60 1.46
N LYS B 50 1.27 -9.77 2.54
CA LYS B 50 2.08 -11.01 2.72
C LYS B 50 1.15 -12.23 2.73
N ASP B 51 1.28 -13.08 1.74
CA ASP B 51 0.42 -14.30 1.65
C ASP B 51 0.81 -15.28 2.76
N THR B 52 2.08 -15.46 3.00
CA THR B 52 2.53 -16.41 4.07
C THR B 52 2.17 -15.84 5.45
N PRO B 53 1.85 -16.73 6.37
CA PRO B 53 1.49 -16.36 7.75
C PRO B 53 2.73 -16.01 8.57
N ASP B 54 3.61 -16.96 8.78
CA ASP B 54 4.85 -16.70 9.56
C ASP B 54 6.06 -16.72 8.62
N TYR B 55 6.22 -17.79 7.87
CA TYR B 55 7.37 -17.89 6.92
C TYR B 55 6.85 -18.00 5.48
N MET A 1 9.16 -0.93 12.96
CA MET A 1 8.13 -0.35 12.04
C MET A 1 7.97 1.15 12.33
N LYS A 2 8.10 1.98 11.32
CA LYS A 2 7.96 3.45 11.50
C LYS A 2 7.24 4.04 10.29
N ILE A 3 6.69 5.22 10.45
CA ILE A 3 5.96 5.88 9.33
C ILE A 3 6.96 6.58 8.39
N LYS A 4 7.19 6.01 7.24
CA LYS A 4 8.13 6.60 6.25
C LYS A 4 7.38 7.66 5.43
N ARG A 5 6.14 7.38 5.09
CA ARG A 5 5.34 8.35 4.28
C ARG A 5 3.88 8.34 4.73
N ILE A 6 3.08 9.24 4.20
CA ILE A 6 1.64 9.31 4.59
C ILE A 6 0.77 9.18 3.34
N LEU A 7 -0.10 8.19 3.31
CA LEU A 7 -1.00 8.01 2.15
C LEU A 7 -2.29 8.76 2.42
N ASN A 8 -2.84 8.59 3.60
CA ASN A 8 -4.09 9.32 4.01
C ASN A 8 -4.35 9.07 5.50
N HIS A 9 -5.55 9.32 5.98
CA HIS A 9 -5.85 9.13 7.44
C HIS A 9 -5.78 7.64 7.84
N ASN A 10 -6.03 6.74 6.91
CA ASN A 10 -6.00 5.29 7.23
C ASN A 10 -4.79 4.60 6.58
N ALA A 11 -4.25 5.15 5.54
CA ALA A 11 -3.09 4.49 4.87
C ALA A 11 -1.80 5.27 5.11
N ILE A 12 -0.72 4.56 5.27
CA ILE A 12 0.61 5.21 5.49
C ILE A 12 1.72 4.25 5.07
N VAL A 13 2.78 4.77 4.51
CA VAL A 13 3.90 3.90 4.07
C VAL A 13 4.88 3.72 5.23
N VAL A 14 5.05 2.51 5.70
CA VAL A 14 5.98 2.27 6.84
C VAL A 14 7.14 1.37 6.39
N LYS A 15 8.13 1.21 7.23
CA LYS A 15 9.31 0.36 6.88
C LYS A 15 9.36 -0.85 7.82
N ASP A 16 10.18 -1.81 7.50
CA ASP A 16 10.32 -3.02 8.35
C ASP A 16 11.66 -3.71 8.07
N GLN A 17 12.09 -4.56 8.97
CA GLN A 17 13.39 -5.28 8.77
C GLN A 17 13.41 -5.92 7.39
N ASN A 18 12.32 -6.51 7.01
CA ASN A 18 12.24 -7.17 5.68
C ASN A 18 12.29 -6.12 4.56
N GLU A 19 11.47 -5.10 4.63
CA GLU A 19 11.46 -4.05 3.56
C GLU A 19 10.34 -3.04 3.84
N GLU A 20 10.14 -2.11 2.94
CA GLU A 20 9.04 -1.09 3.12
C GLU A 20 7.68 -1.78 2.99
N LYS A 21 6.75 -1.44 3.86
CA LYS A 21 5.40 -2.07 3.80
C LYS A 21 4.32 -0.97 3.92
N ILE A 22 3.24 -1.13 3.20
CA ILE A 22 2.14 -0.13 3.26
C ILE A 22 1.16 -0.54 4.36
N LEU A 23 0.89 0.36 5.28
CA LEU A 23 -0.06 0.03 6.39
C LEU A 23 -1.42 0.68 6.13
N LEU A 24 -2.45 -0.11 5.99
CA LEU A 24 -3.81 0.44 5.74
C LEU A 24 -4.73 0.10 6.92
N GLY A 25 -4.98 1.05 7.78
CA GLY A 25 -5.87 0.81 8.95
C GLY A 25 -6.72 2.05 9.22
N ALA A 26 -8.02 1.90 9.24
CA ALA A 26 -8.92 3.06 9.48
C ALA A 26 -8.52 3.80 10.75
N GLY A 27 -7.84 4.92 10.59
CA GLY A 27 -7.39 5.73 11.75
C GLY A 27 -5.91 5.44 12.08
N ILE A 28 -5.18 4.84 11.18
CA ILE A 28 -3.75 4.55 11.44
C ILE A 28 -2.97 5.86 11.55
N ALA A 29 -3.29 6.83 10.71
CA ALA A 29 -2.60 8.15 10.77
C ALA A 29 -2.88 8.79 12.13
N PHE A 30 -4.00 8.48 12.73
CA PHE A 30 -4.33 9.03 14.08
C PHE A 30 -3.58 8.21 15.14
N ASN A 31 -2.97 8.87 16.08
CA ASN A 31 -2.20 8.17 17.17
C ASN A 31 -0.81 7.75 16.66
N LYS A 32 -0.25 8.47 15.73
CA LYS A 32 1.11 8.12 15.21
C LYS A 32 1.85 9.39 14.75
N LYS A 33 3.07 9.23 14.29
CA LYS A 33 3.87 10.40 13.81
C LYS A 33 4.90 9.92 12.77
N LYS A 34 5.55 10.84 12.10
CA LYS A 34 6.57 10.45 11.08
C LYS A 34 7.73 9.74 11.74
N ASN A 35 8.05 8.57 11.26
CA ASN A 35 9.16 7.75 11.84
C ASN A 35 8.78 7.19 13.22
N ASP A 36 7.53 7.36 13.62
CA ASP A 36 7.08 6.82 14.94
C ASP A 36 6.58 5.39 14.74
N ILE A 37 6.58 4.60 15.78
CA ILE A 37 6.11 3.19 15.66
C ILE A 37 4.58 3.18 15.58
N VAL A 38 4.04 2.41 14.67
CA VAL A 38 2.56 2.33 14.51
C VAL A 38 2.00 1.24 15.42
N ASP A 39 0.92 1.54 16.10
CA ASP A 39 0.27 0.53 16.98
C ASP A 39 -0.40 -0.52 16.10
N PRO A 40 -0.28 -1.77 16.48
CA PRO A 40 -0.86 -2.89 15.71
C PRO A 40 -2.39 -2.91 15.84
N SER A 41 -2.91 -2.40 16.94
CA SER A 41 -4.40 -2.38 17.13
C SER A 41 -5.05 -1.62 15.97
N LYS A 42 -4.40 -0.58 15.48
CA LYS A 42 -4.96 0.21 14.34
C LYS A 42 -4.51 -0.39 13.00
N ILE A 43 -3.43 -1.14 13.00
CA ILE A 43 -2.95 -1.77 11.73
C ILE A 43 -3.98 -2.80 11.25
N GLU A 44 -4.65 -2.50 10.18
CA GLU A 44 -5.68 -3.43 9.64
C GLU A 44 -5.11 -4.21 8.46
N LYS A 45 -4.17 -3.63 7.75
CA LYS A 45 -3.56 -4.33 6.57
C LYS A 45 -2.06 -4.02 6.48
N THR A 46 -1.29 -4.97 6.01
CA THR A 46 0.18 -4.78 5.88
C THR A 46 0.61 -5.22 4.47
N PHE A 47 0.76 -4.29 3.57
CA PHE A 47 1.18 -4.62 2.17
C PHE A 47 2.70 -4.47 2.03
N ILE A 48 3.29 -5.19 1.12
CA ILE A 48 4.76 -5.11 0.91
C ILE A 48 5.08 -5.25 -0.59
N ARG A 49 5.90 -4.37 -1.12
CA ARG A 49 6.23 -4.43 -2.58
C ARG A 49 7.08 -5.67 -2.87
N LYS A 50 6.56 -6.58 -3.65
CA LYS A 50 7.31 -7.82 -4.00
C LYS A 50 7.41 -7.94 -5.52
N ASP A 51 8.60 -7.76 -6.06
CA ASP A 51 8.79 -7.86 -7.53
C ASP A 51 9.55 -9.15 -7.87
N THR A 52 10.71 -9.34 -7.26
CA THR A 52 11.52 -10.56 -7.54
C THR A 52 10.93 -11.75 -6.76
N PRO A 53 10.81 -12.87 -7.43
CA PRO A 53 10.26 -14.11 -6.84
C PRO A 53 11.31 -14.81 -5.96
N ASP A 54 12.33 -15.37 -6.56
CA ASP A 54 13.39 -16.07 -5.77
C ASP A 54 14.76 -15.84 -6.42
N TYR A 55 14.90 -16.21 -7.68
CA TYR A 55 16.21 -16.02 -8.38
C TYR A 55 16.53 -14.51 -8.52
N MET B 1 -5.91 -5.90 -13.52
CA MET B 1 -5.64 -4.88 -12.47
C MET B 1 -6.72 -3.78 -12.54
N LYS B 2 -7.37 -3.51 -11.45
CA LYS B 2 -8.43 -2.44 -11.43
C LYS B 2 -8.35 -1.68 -10.11
N ILE B 3 -8.92 -0.50 -10.08
CA ILE B 3 -8.89 0.32 -8.83
C ILE B 3 -10.01 -0.12 -7.88
N LYS B 4 -9.66 -0.81 -6.83
CA LYS B 4 -10.67 -1.27 -5.83
C LYS B 4 -10.94 -0.16 -4.82
N ARG B 5 -9.91 0.58 -4.44
CA ARG B 5 -10.10 1.69 -3.47
C ARG B 5 -9.18 2.87 -3.82
N ILE B 6 -9.34 3.97 -3.14
CA ILE B 6 -8.49 5.17 -3.42
C ILE B 6 -7.76 5.60 -2.15
N LEU B 7 -6.45 5.64 -2.19
CA LEU B 7 -5.66 6.06 -1.01
C LEU B 7 -5.44 7.57 -1.09
N ASN B 8 -5.04 8.03 -2.26
CA ASN B 8 -4.83 9.50 -2.49
C ASN B 8 -4.56 9.74 -3.99
N HIS B 9 -4.01 10.88 -4.34
CA HIS B 9 -3.76 11.19 -5.79
C HIS B 9 -2.69 10.26 -6.38
N ASN B 10 -1.78 9.77 -5.57
CA ASN B 10 -0.70 8.88 -6.07
C ASN B 10 -0.90 7.43 -5.60
N ALA B 11 -1.61 7.22 -4.53
CA ALA B 11 -1.79 5.83 -4.02
C ALA B 11 -3.22 5.36 -4.24
N ILE B 12 -3.38 4.09 -4.57
CA ILE B 12 -4.74 3.52 -4.78
C ILE B 12 -4.67 2.00 -4.55
N VAL B 13 -5.72 1.44 -4.01
CA VAL B 13 -5.74 -0.03 -3.75
C VAL B 13 -6.30 -0.74 -4.98
N VAL B 14 -5.50 -1.55 -5.63
CA VAL B 14 -5.99 -2.27 -6.85
C VAL B 14 -6.00 -3.79 -6.59
N LYS B 15 -6.56 -4.54 -7.50
CA LYS B 15 -6.63 -6.03 -7.35
C LYS B 15 -5.79 -6.69 -8.44
N ASP B 16 -5.56 -7.97 -8.30
CA ASP B 16 -4.75 -8.71 -9.31
C ASP B 16 -5.06 -10.22 -9.20
N GLN B 17 -4.74 -10.96 -10.24
CA GLN B 17 -5.00 -12.43 -10.22
C GLN B 17 -4.43 -13.04 -8.94
N ASN B 18 -3.26 -12.62 -8.56
CA ASN B 18 -2.62 -13.15 -7.33
C ASN B 18 -3.39 -12.68 -6.09
N GLU B 19 -3.67 -11.39 -5.97
CA GLU B 19 -4.40 -10.88 -4.78
C GLU B 19 -4.48 -9.34 -4.85
N GLU B 20 -5.01 -8.72 -3.82
CA GLU B 20 -5.11 -7.24 -3.80
C GLU B 20 -3.71 -6.63 -3.67
N LYS B 21 -3.43 -5.59 -4.43
CA LYS B 21 -2.08 -4.95 -4.37
C LYS B 21 -2.25 -3.43 -4.27
N ILE B 22 -1.39 -2.78 -3.51
CA ILE B 22 -1.46 -1.29 -3.37
C ILE B 22 -0.60 -0.65 -4.45
N LEU B 23 -1.16 0.24 -5.23
CA LEU B 23 -0.38 0.91 -6.30
C LEU B 23 -0.01 2.33 -5.87
N LEU B 24 1.27 2.61 -5.79
CA LEU B 24 1.73 3.97 -5.37
C LEU B 24 2.50 4.61 -6.53
N GLY B 25 1.88 5.52 -7.23
CA GLY B 25 2.56 6.20 -8.38
C GLY B 25 2.12 7.66 -8.42
N ALA B 26 3.07 8.57 -8.39
CA ALA B 26 2.74 10.04 -8.41
C ALA B 26 1.82 10.35 -9.60
N GLY B 27 0.55 10.50 -9.33
CA GLY B 27 -0.43 10.82 -10.39
C GLY B 27 -1.17 9.56 -10.86
N ILE B 28 -1.12 8.49 -10.08
CA ILE B 28 -1.81 7.24 -10.48
C ILE B 28 -3.33 7.48 -10.47
N ALA B 29 -3.82 8.21 -9.49
CA ALA B 29 -5.29 8.52 -9.43
C ALA B 29 -5.68 9.31 -10.67
N PHE B 30 -4.76 10.06 -11.23
CA PHE B 30 -5.06 10.84 -12.46
C PHE B 30 -4.97 9.88 -13.67
N ASN B 31 -5.93 9.96 -14.55
CA ASN B 31 -5.94 9.07 -15.76
C ASN B 31 -6.46 7.67 -15.42
N LYS B 32 -7.33 7.57 -14.44
CA LYS B 32 -7.89 6.23 -14.05
C LYS B 32 -9.31 6.40 -13.48
N LYS B 33 -9.93 5.30 -13.11
CA LYS B 33 -11.32 5.34 -12.55
C LYS B 33 -11.53 4.13 -11.65
N LYS B 34 -12.62 4.12 -10.90
CA LYS B 34 -12.90 2.95 -10.00
C LYS B 34 -13.14 1.70 -10.83
N ASN B 35 -12.40 0.66 -10.53
CA ASN B 35 -12.52 -0.64 -11.28
C ASN B 35 -11.93 -0.50 -12.68
N ASP B 36 -11.29 0.61 -12.99
CA ASP B 36 -10.68 0.79 -14.33
C ASP B 36 -9.24 0.27 -14.29
N ILE B 37 -8.70 -0.11 -15.43
CA ILE B 37 -7.31 -0.63 -15.46
C ILE B 37 -6.32 0.53 -15.28
N VAL B 38 -5.33 0.33 -14.45
CA VAL B 38 -4.32 1.40 -14.21
C VAL B 38 -3.16 1.28 -15.22
N ASP B 39 -2.76 2.38 -15.78
CA ASP B 39 -1.63 2.37 -16.75
C ASP B 39 -0.34 2.11 -15.96
N PRO B 40 0.52 1.28 -16.51
CA PRO B 40 1.80 0.94 -15.86
C PRO B 40 2.78 2.11 -15.90
N SER B 41 2.66 2.98 -16.88
CA SER B 41 3.57 4.16 -16.97
C SER B 41 3.47 4.99 -15.68
N LYS B 42 2.29 5.07 -15.11
CA LYS B 42 2.11 5.85 -13.85
C LYS B 42 2.38 4.94 -12.63
N ILE B 43 2.26 3.64 -12.78
CA ILE B 43 2.51 2.71 -11.65
C ILE B 43 3.99 2.80 -11.24
N GLU B 44 4.26 3.36 -10.10
CA GLU B 44 5.66 3.50 -9.62
C GLU B 44 5.96 2.41 -8.59
N LYS B 45 4.95 1.96 -7.87
CA LYS B 45 5.18 0.90 -6.84
C LYS B 45 4.00 -0.07 -6.81
N THR B 46 4.27 -1.32 -6.50
CA THR B 46 3.19 -2.35 -6.44
C THR B 46 3.35 -3.15 -5.14
N PHE B 47 2.59 -2.79 -4.13
CA PHE B 47 2.66 -3.51 -2.82
C PHE B 47 1.59 -4.60 -2.76
N ILE B 48 1.82 -5.63 -1.98
CA ILE B 48 0.84 -6.74 -1.87
C ILE B 48 0.82 -7.26 -0.43
N ARG B 49 -0.36 -7.43 0.13
CA ARG B 49 -0.47 -7.93 1.54
C ARG B 49 -0.01 -9.39 1.62
N LYS B 50 1.07 -9.63 2.34
CA LYS B 50 1.59 -11.02 2.47
C LYS B 50 1.72 -11.38 3.95
N ASP B 51 0.87 -12.27 4.43
CA ASP B 51 0.91 -12.67 5.87
C ASP B 51 1.43 -14.11 5.98
N THR B 52 0.81 -15.02 5.28
CA THR B 52 1.25 -16.45 5.34
C THR B 52 2.49 -16.65 4.45
N PRO B 53 3.47 -17.35 4.98
CA PRO B 53 4.73 -17.62 4.27
C PRO B 53 4.55 -18.74 3.24
N ASP B 54 4.38 -19.96 3.69
CA ASP B 54 4.19 -21.11 2.76
C ASP B 54 3.18 -22.10 3.35
N TYR B 55 3.45 -22.61 4.52
CA TYR B 55 2.52 -23.59 5.16
C TYR B 55 1.16 -22.91 5.48
N MET A 1 9.45 -1.45 12.90
CA MET A 1 8.31 -0.76 12.21
C MET A 1 8.39 0.75 12.50
N LYS A 2 8.38 1.56 11.47
CA LYS A 2 8.44 3.04 11.65
C LYS A 2 7.60 3.72 10.57
N ILE A 3 7.52 5.02 10.62
CA ILE A 3 6.73 5.78 9.60
C ILE A 3 7.65 6.17 8.45
N LYS A 4 7.51 5.48 7.34
CA LYS A 4 8.35 5.79 6.14
C LYS A 4 7.69 6.92 5.35
N ARG A 5 6.38 6.90 5.24
CA ARG A 5 5.66 7.97 4.48
C ARG A 5 4.18 7.99 4.88
N ILE A 6 3.44 8.92 4.32
CA ILE A 6 1.98 9.04 4.64
C ILE A 6 1.18 8.97 3.34
N LEU A 7 0.21 8.08 3.29
CA LEU A 7 -0.62 7.96 2.07
C LEU A 7 -1.92 8.74 2.28
N ASN A 8 -2.57 8.52 3.40
CA ASN A 8 -3.83 9.26 3.72
C ASN A 8 -4.22 8.98 5.18
N HIS A 9 -5.41 9.38 5.58
CA HIS A 9 -5.87 9.20 7.00
C HIS A 9 -5.74 7.73 7.45
N ASN A 10 -5.90 6.79 6.55
CA ASN A 10 -5.83 5.35 6.94
C ASN A 10 -4.60 4.66 6.32
N ALA A 11 -4.13 5.12 5.20
CA ALA A 11 -2.97 4.46 4.56
C ALA A 11 -1.67 5.19 4.93
N ILE A 12 -0.68 4.46 5.35
CA ILE A 12 0.63 5.07 5.73
C ILE A 12 1.76 4.12 5.34
N VAL A 13 2.83 4.65 4.80
CA VAL A 13 3.98 3.78 4.39
C VAL A 13 4.86 3.55 5.63
N VAL A 14 5.20 2.32 5.89
CA VAL A 14 6.06 2.01 7.09
C VAL A 14 7.25 1.15 6.67
N LYS A 15 8.38 1.32 7.31
CA LYS A 15 9.59 0.52 6.97
C LYS A 15 9.79 -0.58 8.02
N ASP A 16 10.64 -1.52 7.73
CA ASP A 16 10.90 -2.64 8.69
C ASP A 16 12.21 -3.34 8.31
N GLN A 17 12.74 -4.13 9.22
CA GLN A 17 14.02 -4.88 8.95
C GLN A 17 13.90 -5.62 7.62
N ASN A 18 12.76 -6.22 7.38
CA ASN A 18 12.56 -6.97 6.11
C ASN A 18 12.61 -6.00 4.91
N GLU A 19 11.81 -4.94 4.93
CA GLU A 19 11.81 -3.97 3.80
C GLU A 19 10.67 -2.96 3.99
N GLU A 20 10.34 -2.22 2.96
CA GLU A 20 9.24 -1.21 3.04
C GLU A 20 7.89 -1.92 2.96
N LYS A 21 6.93 -1.48 3.74
CA LYS A 21 5.58 -2.13 3.74
C LYS A 21 4.49 -1.05 3.87
N ILE A 22 3.43 -1.17 3.11
CA ILE A 22 2.32 -0.18 3.20
C ILE A 22 1.31 -0.66 4.25
N LEU A 23 1.01 0.18 5.22
CA LEU A 23 0.04 -0.23 6.28
C LEU A 23 -1.28 0.54 6.11
N LEU A 24 -2.36 -0.19 5.93
CA LEU A 24 -3.69 0.46 5.76
C LEU A 24 -4.53 0.20 7.02
N GLY A 25 -4.92 1.25 7.70
CA GLY A 25 -5.74 1.10 8.94
C GLY A 25 -6.60 2.34 9.13
N ALA A 26 -7.89 2.17 9.24
CA ALA A 26 -8.81 3.34 9.42
C ALA A 26 -8.37 4.20 10.60
N GLY A 27 -7.74 5.32 10.30
CA GLY A 27 -7.26 6.25 11.36
C GLY A 27 -5.81 5.96 11.75
N ILE A 28 -5.12 5.11 11.01
CA ILE A 28 -3.70 4.80 11.35
C ILE A 28 -2.86 6.09 11.24
N ALA A 29 -3.14 6.92 10.26
CA ALA A 29 -2.39 8.20 10.13
C ALA A 29 -2.67 9.07 11.35
N PHE A 30 -3.90 9.08 11.82
CA PHE A 30 -4.25 9.87 13.02
C PHE A 30 -3.62 9.21 14.24
N ASN A 31 -3.16 10.00 15.19
CA ASN A 31 -2.51 9.43 16.40
C ASN A 31 -1.16 8.79 16.03
N LYS A 32 -0.54 9.27 14.97
CA LYS A 32 0.77 8.70 14.53
C LYS A 32 1.62 9.81 13.88
N LYS A 33 2.92 9.67 13.93
CA LYS A 33 3.82 10.70 13.32
C LYS A 33 5.15 10.07 12.90
N LYS A 34 6.01 10.84 12.28
CA LYS A 34 7.34 10.29 11.83
C LYS A 34 8.14 9.81 13.03
N ASN A 35 8.70 8.63 12.91
CA ASN A 35 9.52 8.04 14.01
C ASN A 35 8.65 7.61 15.20
N ASP A 36 7.34 7.62 15.05
CA ASP A 36 6.45 7.21 16.17
C ASP A 36 6.01 5.75 15.99
N ILE A 37 6.40 5.11 14.89
CA ILE A 37 6.02 3.69 14.63
C ILE A 37 4.50 3.58 14.41
N VAL A 38 4.07 2.66 13.59
CA VAL A 38 2.61 2.51 13.31
C VAL A 38 1.94 1.74 14.46
N ASP A 39 0.78 2.19 14.86
CA ASP A 39 0.03 1.49 15.94
C ASP A 39 -0.53 0.18 15.37
N PRO A 40 -0.31 -0.91 16.07
CA PRO A 40 -0.78 -2.24 15.64
C PRO A 40 -2.29 -2.36 15.78
N SER A 41 -2.88 -1.77 16.80
CA SER A 41 -4.36 -1.84 16.96
C SER A 41 -5.01 -1.18 15.73
N LYS A 42 -4.33 -0.21 15.15
CA LYS A 42 -4.87 0.49 13.94
C LYS A 42 -4.50 -0.31 12.67
N ILE A 43 -3.41 -1.05 12.69
CA ILE A 43 -3.00 -1.84 11.49
C ILE A 43 -4.14 -2.76 11.06
N GLU A 44 -4.75 -2.48 9.94
CA GLU A 44 -5.87 -3.32 9.44
C GLU A 44 -5.37 -4.19 8.28
N LYS A 45 -4.39 -3.71 7.55
CA LYS A 45 -3.85 -4.51 6.40
C LYS A 45 -2.36 -4.20 6.21
N THR A 46 -1.56 -5.22 6.02
CA THR A 46 -0.09 -5.01 5.84
C THR A 46 0.30 -5.40 4.40
N PHE A 47 0.83 -4.46 3.66
CA PHE A 47 1.24 -4.73 2.25
C PHE A 47 2.76 -4.59 2.11
N ILE A 48 3.35 -5.35 1.22
CA ILE A 48 4.83 -5.28 1.02
C ILE A 48 5.14 -5.42 -0.48
N ARG A 49 6.02 -4.61 -0.99
CA ARG A 49 6.36 -4.68 -2.45
C ARG A 49 7.09 -6.00 -2.75
N LYS A 50 6.59 -6.76 -3.69
CA LYS A 50 7.22 -8.06 -4.04
C LYS A 50 8.55 -7.79 -4.75
N ASP A 51 9.65 -8.13 -4.10
CA ASP A 51 11.00 -7.90 -4.72
C ASP A 51 11.34 -9.07 -5.65
N THR A 52 11.37 -10.27 -5.13
CA THR A 52 11.70 -11.46 -5.97
C THR A 52 10.74 -12.61 -5.63
N PRO A 53 10.45 -13.43 -6.62
CA PRO A 53 9.56 -14.59 -6.48
C PRO A 53 10.26 -15.74 -5.76
N ASP A 54 11.27 -16.30 -6.38
CA ASP A 54 12.03 -17.43 -5.75
C ASP A 54 13.40 -16.94 -5.30
N TYR A 55 14.16 -16.35 -6.20
CA TYR A 55 15.51 -15.84 -5.84
C TYR A 55 15.59 -14.32 -6.11
N MET B 1 -5.70 -6.48 -13.53
CA MET B 1 -5.48 -5.27 -12.69
C MET B 1 -6.70 -4.34 -12.78
N LYS B 2 -7.27 -3.97 -11.65
CA LYS B 2 -8.45 -3.08 -11.65
C LYS B 2 -8.39 -2.13 -10.45
N ILE B 3 -9.35 -1.27 -10.32
CA ILE B 3 -9.37 -0.31 -9.18
C ILE B 3 -10.15 -0.93 -8.02
N LYS B 4 -9.46 -1.38 -7.00
CA LYS B 4 -10.11 -1.99 -5.82
C LYS B 4 -10.53 -0.88 -4.84
N ARG B 5 -9.68 0.10 -4.67
CA ARG B 5 -10.00 1.22 -3.74
C ARG B 5 -9.11 2.44 -4.04
N ILE B 6 -9.31 3.50 -3.32
CA ILE B 6 -8.49 4.75 -3.53
C ILE B 6 -7.85 5.16 -2.21
N LEU B 7 -6.55 5.33 -2.20
CA LEU B 7 -5.85 5.73 -0.96
C LEU B 7 -5.62 7.25 -0.99
N ASN B 8 -5.11 7.76 -2.08
CA ASN B 8 -4.90 9.23 -2.23
C ASN B 8 -4.54 9.56 -3.68
N HIS B 9 -4.12 10.77 -3.94
CA HIS B 9 -3.77 11.19 -5.35
C HIS B 9 -2.74 10.24 -6.00
N ASN B 10 -1.86 9.65 -5.23
CA ASN B 10 -0.83 8.73 -5.81
C ASN B 10 -1.04 7.29 -5.36
N ALA B 11 -1.63 7.07 -4.21
CA ALA B 11 -1.82 5.67 -3.74
C ALA B 11 -3.23 5.19 -4.09
N ILE B 12 -3.32 4.02 -4.66
CA ILE B 12 -4.64 3.45 -5.05
C ILE B 12 -4.61 1.94 -4.84
N VAL B 13 -5.67 1.37 -4.31
CA VAL B 13 -5.72 -0.11 -4.11
C VAL B 13 -6.18 -0.77 -5.40
N VAL B 14 -5.47 -1.77 -5.85
CA VAL B 14 -5.86 -2.46 -7.11
C VAL B 14 -5.93 -3.97 -6.87
N LYS B 15 -6.80 -4.65 -7.59
CA LYS B 15 -6.94 -6.13 -7.44
C LYS B 15 -6.29 -6.83 -8.63
N ASP B 16 -6.09 -8.12 -8.51
CA ASP B 16 -5.45 -8.89 -9.63
C ASP B 16 -5.72 -10.39 -9.43
N GLN B 17 -5.51 -11.18 -10.46
CA GLN B 17 -5.73 -12.66 -10.36
C GLN B 17 -5.01 -13.20 -9.14
N ASN B 18 -3.80 -12.75 -8.92
CA ASN B 18 -3.02 -13.23 -7.75
C ASN B 18 -3.72 -12.82 -6.44
N GLU B 19 -4.02 -11.55 -6.28
CA GLU B 19 -4.70 -11.08 -5.03
C GLU B 19 -4.78 -9.55 -5.02
N GLU B 20 -5.02 -8.96 -3.87
CA GLU B 20 -5.12 -7.47 -3.78
C GLU B 20 -3.72 -6.87 -3.65
N LYS B 21 -3.45 -5.79 -4.35
CA LYS B 21 -2.11 -5.14 -4.28
C LYS B 21 -2.27 -3.62 -4.22
N ILE B 22 -1.44 -2.96 -3.45
CA ILE B 22 -1.52 -1.47 -3.34
C ILE B 22 -0.58 -0.86 -4.38
N LEU B 23 -1.09 0.02 -5.21
CA LEU B 23 -0.24 0.66 -6.26
C LEU B 23 0.02 2.12 -5.91
N LEU B 24 1.27 2.47 -5.75
CA LEU B 24 1.63 3.88 -5.42
C LEU B 24 2.29 4.53 -6.64
N GLY B 25 1.69 5.59 -7.14
CA GLY B 25 2.26 6.28 -8.34
C GLY B 25 1.84 7.74 -8.31
N ALA B 26 2.78 8.65 -8.37
CA ALA B 26 2.46 10.11 -8.34
C ALA B 26 1.43 10.46 -9.43
N GLY B 27 0.20 10.64 -9.01
CA GLY B 27 -0.89 10.99 -9.98
C GLY B 27 -1.61 9.74 -10.49
N ILE B 28 -1.35 8.58 -9.92
CA ILE B 28 -2.03 7.35 -10.38
C ILE B 28 -3.56 7.49 -10.15
N ALA B 29 -3.96 8.10 -9.05
CA ALA B 29 -5.41 8.29 -8.79
C ALA B 29 -5.97 9.22 -9.87
N PHE B 30 -5.23 10.24 -10.25
CA PHE B 30 -5.69 11.16 -11.32
C PHE B 30 -5.67 10.42 -12.65
N ASN B 31 -6.62 10.68 -13.51
CA ASN B 31 -6.68 9.99 -14.84
C ASN B 31 -7.02 8.50 -14.63
N LYS B 32 -7.72 8.19 -13.56
CA LYS B 32 -8.10 6.78 -13.27
C LYS B 32 -9.45 6.74 -12.56
N LYS B 33 -10.18 5.66 -12.70
CA LYS B 33 -11.52 5.55 -12.03
C LYS B 33 -11.87 4.07 -11.80
N LYS B 34 -12.90 3.80 -11.04
CA LYS B 34 -13.32 2.40 -10.75
C LYS B 34 -13.54 1.63 -12.06
N ASN B 35 -12.98 0.45 -12.14
CA ASN B 35 -13.12 -0.42 -13.35
C ASN B 35 -12.30 0.13 -14.54
N ASP B 36 -11.47 1.13 -14.31
CA ASP B 36 -10.64 1.69 -15.42
C ASP B 36 -9.24 1.06 -15.42
N ILE B 37 -8.93 0.25 -14.42
CA ILE B 37 -7.58 -0.39 -14.32
C ILE B 37 -6.52 0.68 -14.04
N VAL B 38 -5.48 0.33 -13.33
CA VAL B 38 -4.42 1.31 -12.99
C VAL B 38 -3.48 1.50 -14.18
N ASP B 39 -3.11 2.73 -14.45
CA ASP B 39 -2.17 3.02 -15.57
C ASP B 39 -0.76 2.55 -15.15
N PRO B 40 -0.12 1.79 -16.00
CA PRO B 40 1.22 1.25 -15.74
C PRO B 40 2.28 2.35 -15.79
N SER B 41 2.13 3.30 -16.69
CA SER B 41 3.12 4.42 -16.78
C SER B 41 3.11 5.19 -15.45
N LYS B 42 1.99 5.18 -14.76
CA LYS B 42 1.88 5.89 -13.45
C LYS B 42 2.30 4.95 -12.31
N ILE B 43 2.20 3.64 -12.50
CA ILE B 43 2.59 2.67 -11.44
C ILE B 43 4.07 2.91 -11.06
N GLU B 44 4.29 3.42 -9.88
CA GLU B 44 5.70 3.68 -9.42
C GLU B 44 6.12 2.59 -8.42
N LYS B 45 5.17 2.04 -7.69
CA LYS B 45 5.50 0.98 -6.70
C LYS B 45 4.33 0.00 -6.56
N THR B 46 4.62 -1.28 -6.56
CA THR B 46 3.54 -2.30 -6.43
C THR B 46 3.69 -3.03 -5.08
N PHE B 47 2.67 -2.94 -4.25
CA PHE B 47 2.72 -3.61 -2.92
C PHE B 47 1.66 -4.71 -2.86
N ILE B 48 1.92 -5.76 -2.12
CA ILE B 48 0.93 -6.88 -2.01
C ILE B 48 0.94 -7.41 -0.57
N ARG B 49 -0.22 -7.63 0.01
CA ARG B 49 -0.30 -8.14 1.41
C ARG B 49 0.27 -9.57 1.48
N LYS B 50 1.24 -9.77 2.34
CA LYS B 50 1.85 -11.12 2.49
C LYS B 50 0.85 -12.08 3.14
N ASP B 51 0.36 -13.04 2.40
CA ASP B 51 -0.63 -14.01 2.95
C ASP B 51 0.12 -15.13 3.70
N THR B 52 0.98 -15.83 3.01
CA THR B 52 1.74 -16.95 3.67
C THR B 52 3.22 -16.89 3.24
N PRO B 53 4.08 -17.31 4.14
CA PRO B 53 5.55 -17.32 3.89
C PRO B 53 5.92 -18.50 2.99
N ASP B 54 5.76 -19.71 3.46
CA ASP B 54 6.10 -20.91 2.65
C ASP B 54 4.81 -21.60 2.17
N TYR B 55 3.94 -21.93 3.09
CA TYR B 55 2.66 -22.60 2.72
C TYR B 55 1.47 -21.75 3.19
N MET A 1 7.27 -0.83 12.98
CA MET A 1 7.30 -0.24 11.61
C MET A 1 7.09 1.27 11.70
N LYS A 2 8.13 2.04 11.49
CA LYS A 2 8.00 3.52 11.56
C LYS A 2 7.29 4.05 10.31
N ILE A 3 6.62 5.16 10.46
CA ILE A 3 5.88 5.75 9.31
C ILE A 3 6.86 6.48 8.39
N LYS A 4 7.05 5.95 7.21
CA LYS A 4 7.99 6.58 6.23
C LYS A 4 7.22 7.63 5.42
N ARG A 5 5.98 7.34 5.08
CA ARG A 5 5.17 8.32 4.28
C ARG A 5 3.70 8.25 4.72
N ILE A 6 2.91 9.21 4.31
CA ILE A 6 1.45 9.22 4.68
C ILE A 6 0.61 9.10 3.41
N LEU A 7 -0.26 8.12 3.36
CA LEU A 7 -1.13 7.93 2.17
C LEU A 7 -2.44 8.67 2.42
N ASN A 8 -3.03 8.45 3.57
CA ASN A 8 -4.30 9.15 3.95
C ASN A 8 -4.62 8.88 5.44
N HIS A 9 -5.81 9.18 5.87
CA HIS A 9 -6.18 8.97 7.31
C HIS A 9 -6.03 7.49 7.73
N ASN A 10 -6.20 6.57 6.82
CA ASN A 10 -6.10 5.12 7.17
C ASN A 10 -4.87 4.47 6.51
N ALA A 11 -4.42 4.98 5.39
CA ALA A 11 -3.25 4.36 4.72
C ALA A 11 -1.98 5.13 5.05
N ILE A 12 -0.93 4.42 5.39
CA ILE A 12 0.36 5.07 5.72
C ILE A 12 1.50 4.16 5.24
N VAL A 13 2.52 4.72 4.64
CA VAL A 13 3.66 3.88 4.15
C VAL A 13 4.66 3.72 5.29
N VAL A 14 4.78 2.54 5.83
CA VAL A 14 5.74 2.30 6.94
C VAL A 14 6.92 1.45 6.43
N LYS A 15 7.95 1.34 7.22
CA LYS A 15 9.14 0.52 6.81
C LYS A 15 9.71 -0.20 8.02
N ASP A 16 10.40 -1.30 7.77
CA ASP A 16 11.00 -2.08 8.89
C ASP A 16 12.36 -2.64 8.45
N GLN A 17 12.99 -3.42 9.31
CA GLN A 17 14.31 -4.02 8.97
C GLN A 17 14.21 -4.81 7.68
N ASN A 18 13.17 -5.58 7.53
CA ASN A 18 13.00 -6.40 6.29
C ASN A 18 12.89 -5.48 5.07
N GLU A 19 11.96 -4.54 5.09
CA GLU A 19 11.78 -3.62 3.93
C GLU A 19 10.58 -2.69 4.17
N GLU A 20 10.23 -1.89 3.20
CA GLU A 20 9.07 -0.96 3.33
C GLU A 20 7.76 -1.76 3.19
N LYS A 21 6.72 -1.32 3.86
CA LYS A 21 5.41 -2.04 3.78
C LYS A 21 4.26 -1.02 3.88
N ILE A 22 3.30 -1.11 3.00
CA ILE A 22 2.14 -0.17 3.04
C ILE A 22 1.15 -0.66 4.10
N LEU A 23 0.81 0.18 5.04
CA LEU A 23 -0.15 -0.24 6.11
C LEU A 23 -1.48 0.49 5.93
N LEU A 24 -2.56 -0.27 5.87
CA LEU A 24 -3.91 0.35 5.70
C LEU A 24 -4.76 0.02 6.93
N GLY A 25 -5.02 1.00 7.76
CA GLY A 25 -5.84 0.77 8.98
C GLY A 25 -6.73 1.99 9.23
N ALA A 26 -8.01 1.79 9.37
CA ALA A 26 -8.95 2.93 9.59
C ALA A 26 -8.50 3.77 10.79
N GLY A 27 -7.90 4.89 10.52
CA GLY A 27 -7.41 5.81 11.60
C GLY A 27 -5.95 5.52 11.96
N ILE A 28 -5.26 4.71 11.18
CA ILE A 28 -3.83 4.41 11.49
C ILE A 28 -3.01 5.71 11.44
N ALA A 29 -3.31 6.59 10.50
CA ALA A 29 -2.57 7.88 10.41
C ALA A 29 -2.85 8.68 11.69
N PHE A 30 -4.07 8.62 12.18
CA PHE A 30 -4.42 9.35 13.43
C PHE A 30 -3.71 8.64 14.60
N ASN A 31 -3.30 9.40 15.58
CA ASN A 31 -2.59 8.81 16.77
C ASN A 31 -1.18 8.35 16.36
N LYS A 32 -0.62 8.93 15.33
CA LYS A 32 0.75 8.55 14.88
C LYS A 32 1.28 9.59 13.87
N LYS A 33 2.56 9.57 13.61
CA LYS A 33 3.15 10.54 12.63
C LYS A 33 4.43 9.96 12.00
N LYS A 34 5.05 10.69 11.10
CA LYS A 34 6.29 10.22 10.44
C LYS A 34 7.38 9.97 11.47
N ASN A 35 8.08 8.86 11.32
CA ASN A 35 9.18 8.48 12.25
C ASN A 35 8.61 7.70 13.45
N ASP A 36 7.34 7.86 13.75
CA ASP A 36 6.74 7.11 14.89
C ASP A 36 6.35 5.71 14.44
N ILE A 37 6.26 4.79 15.36
CA ILE A 37 5.89 3.38 14.99
C ILE A 37 4.38 3.32 14.73
N VAL A 38 3.97 2.47 13.83
CA VAL A 38 2.51 2.35 13.52
C VAL A 38 1.81 1.54 14.61
N ASP A 39 0.61 1.92 14.94
CA ASP A 39 -0.16 1.18 15.98
C ASP A 39 -0.62 -0.14 15.36
N PRO A 40 -0.31 -1.23 16.02
CA PRO A 40 -0.67 -2.59 15.53
C PRO A 40 -2.17 -2.82 15.66
N SER A 41 -2.79 -2.33 16.71
CA SER A 41 -4.26 -2.50 16.85
C SER A 41 -4.96 -1.82 15.66
N LYS A 42 -4.34 -0.79 15.12
CA LYS A 42 -4.92 -0.08 13.95
C LYS A 42 -4.54 -0.79 12.64
N ILE A 43 -3.43 -1.50 12.63
CA ILE A 43 -2.99 -2.23 11.40
C ILE A 43 -4.11 -3.16 10.92
N GLU A 44 -4.75 -2.82 9.84
CA GLU A 44 -5.86 -3.66 9.29
C GLU A 44 -5.35 -4.42 8.06
N LYS A 45 -4.39 -3.86 7.35
CA LYS A 45 -3.85 -4.53 6.14
C LYS A 45 -2.34 -4.30 6.03
N THR A 46 -1.57 -5.34 5.84
CA THR A 46 -0.09 -5.19 5.72
C THR A 46 0.33 -5.53 4.29
N PHE A 47 0.73 -4.52 3.54
CA PHE A 47 1.16 -4.75 2.12
C PHE A 47 2.67 -4.57 2.01
N ILE A 48 3.31 -5.39 1.22
CA ILE A 48 4.80 -5.28 1.05
C ILE A 48 5.14 -5.55 -0.42
N ARG A 49 6.12 -4.86 -0.96
CA ARG A 49 6.52 -5.06 -2.39
C ARG A 49 6.90 -6.53 -2.59
N LYS A 50 6.07 -7.28 -3.27
CA LYS A 50 6.35 -8.73 -3.50
C LYS A 50 7.05 -8.91 -4.86
N ASP A 51 8.19 -9.56 -4.86
CA ASP A 51 8.94 -9.79 -6.12
C ASP A 51 8.93 -11.30 -6.43
N THR A 52 9.44 -12.09 -5.52
CA THR A 52 9.48 -13.58 -5.74
C THR A 52 9.17 -14.29 -4.42
N PRO A 53 8.20 -15.19 -4.45
CA PRO A 53 7.78 -15.97 -3.27
C PRO A 53 8.78 -17.10 -2.97
N ASP A 54 8.68 -18.20 -3.66
CA ASP A 54 9.62 -19.35 -3.43
C ASP A 54 10.96 -19.09 -4.13
N TYR A 55 10.95 -18.31 -5.19
CA TYR A 55 12.22 -18.02 -5.92
C TYR A 55 13.12 -17.09 -5.08
N MET B 1 -4.99 -4.61 -13.42
CA MET B 1 -5.15 -4.22 -11.99
C MET B 1 -6.20 -3.10 -11.90
N LYS B 2 -7.43 -3.46 -11.59
CA LYS B 2 -8.50 -2.43 -11.47
C LYS B 2 -8.38 -1.71 -10.13
N ILE B 3 -8.81 -0.48 -10.09
CA ILE B 3 -8.74 0.32 -8.83
C ILE B 3 -9.87 -0.12 -7.88
N LYS B 4 -9.52 -0.75 -6.80
CA LYS B 4 -10.53 -1.20 -5.80
C LYS B 4 -10.80 -0.07 -4.81
N ARG B 5 -9.77 0.67 -4.44
CA ARG B 5 -9.95 1.80 -3.47
C ARG B 5 -8.99 2.94 -3.82
N ILE B 6 -9.20 4.09 -3.23
CA ILE B 6 -8.31 5.27 -3.51
C ILE B 6 -7.60 5.67 -2.21
N LEU B 7 -6.29 5.73 -2.24
CA LEU B 7 -5.52 6.13 -1.03
C LEU B 7 -5.27 7.63 -1.09
N ASN B 8 -4.80 8.09 -2.23
CA ASN B 8 -4.56 9.55 -2.43
C ASN B 8 -4.23 9.82 -3.91
N HIS B 9 -3.72 10.99 -4.24
CA HIS B 9 -3.41 11.33 -5.66
C HIS B 9 -2.41 10.34 -6.28
N ASN B 10 -1.53 9.78 -5.49
CA ASN B 10 -0.50 8.83 -6.03
C ASN B 10 -0.74 7.40 -5.54
N ALA B 11 -1.36 7.23 -4.40
CA ALA B 11 -1.58 5.86 -3.89
C ALA B 11 -3.01 5.40 -4.18
N ILE B 12 -3.14 4.20 -4.69
CA ILE B 12 -4.49 3.64 -5.01
C ILE B 12 -4.47 2.14 -4.73
N VAL B 13 -5.52 1.63 -4.13
CA VAL B 13 -5.56 0.17 -3.83
C VAL B 13 -6.15 -0.56 -5.04
N VAL B 14 -5.35 -1.32 -5.73
CA VAL B 14 -5.85 -2.06 -6.93
C VAL B 14 -5.92 -3.55 -6.61
N LYS B 15 -6.54 -4.32 -7.47
CA LYS B 15 -6.63 -5.79 -7.24
C LYS B 15 -6.51 -6.54 -8.57
N ASP B 16 -6.08 -7.77 -8.52
CA ASP B 16 -5.93 -8.58 -9.76
C ASP B 16 -6.35 -10.03 -9.49
N GLN B 17 -6.19 -10.88 -10.48
CA GLN B 17 -6.57 -12.32 -10.32
C GLN B 17 -5.82 -12.92 -9.13
N ASN B 18 -4.55 -12.62 -9.02
CA ASN B 18 -3.75 -13.17 -7.89
C ASN B 18 -4.29 -12.67 -6.55
N GLU B 19 -4.43 -11.36 -6.38
CA GLU B 19 -4.96 -10.80 -5.11
C GLU B 19 -4.92 -9.27 -5.14
N GLU B 20 -5.26 -8.63 -4.05
CA GLU B 20 -5.23 -7.13 -4.00
C GLU B 20 -3.79 -6.64 -3.87
N LYS B 21 -3.50 -5.48 -4.42
CA LYS B 21 -2.11 -4.93 -4.35
C LYS B 21 -2.18 -3.40 -4.25
N ILE B 22 -1.44 -2.83 -3.32
CA ILE B 22 -1.43 -1.35 -3.16
C ILE B 22 -0.48 -0.75 -4.22
N LEU B 23 -0.97 0.16 -5.01
CA LEU B 23 -0.11 0.78 -6.06
C LEU B 23 0.20 2.23 -5.71
N LEU B 24 1.46 2.58 -5.67
CA LEU B 24 1.86 3.98 -5.34
C LEU B 24 2.58 4.59 -6.55
N GLY B 25 1.95 5.51 -7.22
CA GLY B 25 2.57 6.16 -8.41
C GLY B 25 2.18 7.64 -8.44
N ALA B 26 3.14 8.52 -8.52
CA ALA B 26 2.85 9.99 -8.53
C ALA B 26 1.84 10.31 -9.64
N GLY B 27 0.61 10.53 -9.26
CA GLY B 27 -0.46 10.87 -10.25
C GLY B 27 -1.19 9.61 -10.73
N ILE B 28 -0.97 8.48 -10.11
CA ILE B 28 -1.66 7.23 -10.55
C ILE B 28 -3.19 7.40 -10.37
N ALA B 29 -3.61 8.05 -9.31
CA ALA B 29 -5.07 8.28 -9.10
C ALA B 29 -5.58 9.17 -10.23
N PHE B 30 -4.79 10.13 -10.65
CA PHE B 30 -5.20 11.01 -11.77
C PHE B 30 -5.19 10.19 -13.07
N ASN B 31 -6.09 10.48 -13.98
CA ASN B 31 -6.16 9.72 -15.26
C ASN B 31 -6.68 8.29 -15.02
N LYS B 32 -7.43 8.10 -13.96
CA LYS B 32 -7.98 6.74 -13.64
C LYS B 32 -9.04 6.84 -12.54
N LYS B 33 -9.84 5.81 -12.36
CA LYS B 33 -10.90 5.84 -11.31
C LYS B 33 -11.22 4.41 -10.84
N LYS B 34 -12.12 4.28 -9.90
CA LYS B 34 -12.51 2.94 -9.38
C LYS B 34 -13.07 2.07 -10.50
N ASN B 35 -12.66 0.83 -10.54
CA ASN B 35 -13.12 -0.14 -11.59
C ASN B 35 -12.24 -0.03 -12.84
N ASP B 36 -11.56 1.09 -13.04
CA ASP B 36 -10.68 1.24 -14.23
C ASP B 36 -9.32 0.60 -13.94
N ILE B 37 -8.62 0.20 -14.96
CA ILE B 37 -7.28 -0.43 -14.76
C ILE B 37 -6.26 0.65 -14.42
N VAL B 38 -5.29 0.32 -13.60
CA VAL B 38 -4.25 1.32 -13.22
C VAL B 38 -3.24 1.50 -14.35
N ASP B 39 -2.80 2.71 -14.57
CA ASP B 39 -1.80 2.98 -15.63
C ASP B 39 -0.45 2.42 -15.16
N PRO B 40 0.14 1.57 -15.98
CA PRO B 40 1.43 0.93 -15.65
C PRO B 40 2.57 1.95 -15.70
N SER B 41 2.52 2.88 -16.64
CA SER B 41 3.59 3.92 -16.72
C SER B 41 3.58 4.73 -15.42
N LYS B 42 2.43 4.83 -14.78
CA LYS B 42 2.32 5.57 -13.50
C LYS B 42 2.71 4.66 -12.33
N ILE B 43 2.55 3.36 -12.47
CA ILE B 43 2.91 2.41 -11.36
C ILE B 43 4.37 2.63 -10.96
N GLU B 44 4.59 3.19 -9.79
CA GLU B 44 5.96 3.43 -9.30
C GLU B 44 6.31 2.41 -8.21
N LYS B 45 5.31 1.93 -7.50
CA LYS B 45 5.56 0.94 -6.41
C LYS B 45 4.41 -0.08 -6.37
N THR B 46 4.74 -1.35 -6.38
CA THR B 46 3.69 -2.42 -6.34
C THR B 46 3.77 -3.15 -4.99
N PHE B 47 2.79 -2.93 -4.14
CA PHE B 47 2.77 -3.58 -2.80
C PHE B 47 1.67 -4.64 -2.75
N ILE B 48 1.95 -5.76 -2.13
CA ILE B 48 0.94 -6.86 -2.03
C ILE B 48 1.02 -7.48 -0.64
N ARG B 49 -0.11 -7.87 -0.08
CA ARG B 49 -0.11 -8.49 1.29
C ARG B 49 0.79 -9.74 1.27
N LYS B 50 1.93 -9.66 1.90
CA LYS B 50 2.88 -10.81 1.92
C LYS B 50 2.67 -11.64 3.19
N ASP B 51 2.42 -12.92 3.03
CA ASP B 51 2.21 -13.81 4.21
C ASP B 51 3.39 -14.78 4.31
N THR B 52 3.63 -15.56 3.28
CA THR B 52 4.76 -16.54 3.29
C THR B 52 5.43 -16.57 1.91
N PRO B 53 6.73 -16.41 1.89
CA PRO B 53 7.52 -16.41 0.65
C PRO B 53 7.73 -17.84 0.13
N ASP B 54 8.69 -18.55 0.69
CA ASP B 54 8.96 -19.95 0.25
C ASP B 54 7.96 -20.92 0.89
N TYR B 55 7.42 -20.57 2.04
CA TYR B 55 6.43 -21.46 2.72
C TYR B 55 5.10 -21.45 1.95
N MET A 1 8.79 -0.25 14.03
CA MET A 1 7.78 -0.02 12.94
C MET A 1 7.48 1.48 12.82
N LYS A 2 8.41 2.22 12.27
CA LYS A 2 8.21 3.69 12.10
C LYS A 2 7.52 3.97 10.77
N ILE A 3 7.14 5.20 10.57
CA ILE A 3 6.44 5.60 9.31
C ILE A 3 7.42 6.33 8.39
N LYS A 4 7.66 5.79 7.22
CA LYS A 4 8.58 6.44 6.25
C LYS A 4 7.78 7.45 5.42
N ARG A 5 6.55 7.14 5.10
CA ARG A 5 5.71 8.06 4.29
C ARG A 5 4.24 7.97 4.73
N ILE A 6 3.43 8.89 4.29
CA ILE A 6 1.98 8.87 4.65
C ILE A 6 1.14 8.85 3.37
N LEU A 7 0.23 7.91 3.27
CA LEU A 7 -0.63 7.80 2.07
C LEU A 7 -1.92 8.57 2.31
N ASN A 8 -2.52 8.36 3.46
CA ASN A 8 -3.78 9.10 3.82
C ASN A 8 -4.13 8.83 5.30
N HIS A 9 -5.34 9.15 5.71
CA HIS A 9 -5.74 8.96 7.14
C HIS A 9 -5.66 7.47 7.55
N ASN A 10 -5.75 6.56 6.62
CA ASN A 10 -5.72 5.11 6.97
C ASN A 10 -4.50 4.41 6.35
N ALA A 11 -4.01 4.89 5.24
CA ALA A 11 -2.85 4.22 4.60
C ALA A 11 -1.56 4.98 4.90
N ILE A 12 -0.50 4.26 5.16
CA ILE A 12 0.81 4.90 5.46
C ILE A 12 1.93 3.94 5.05
N VAL A 13 3.06 4.49 4.63
CA VAL A 13 4.19 3.63 4.21
C VAL A 13 5.18 3.49 5.37
N VAL A 14 5.35 2.29 5.87
CA VAL A 14 6.29 2.07 7.01
C VAL A 14 7.43 1.15 6.57
N LYS A 15 8.42 0.97 7.41
CA LYS A 15 9.57 0.08 7.07
C LYS A 15 9.73 -1.00 8.13
N ASP A 16 10.42 -2.06 7.81
CA ASP A 16 10.61 -3.17 8.78
C ASP A 16 11.93 -3.90 8.49
N GLN A 17 12.19 -4.96 9.20
CA GLN A 17 13.45 -5.76 8.98
C GLN A 17 13.51 -6.24 7.54
N ASN A 18 12.42 -6.75 7.04
CA ASN A 18 12.41 -7.25 5.64
C ASN A 18 12.62 -6.09 4.67
N GLU A 19 11.80 -5.06 4.75
CA GLU A 19 11.95 -3.89 3.83
C GLU A 19 10.76 -2.92 4.02
N GLU A 20 10.44 -2.15 3.01
CA GLU A 20 9.31 -1.17 3.11
C GLU A 20 7.96 -1.91 2.99
N LYS A 21 6.97 -1.44 3.70
CA LYS A 21 5.62 -2.07 3.65
C LYS A 21 4.56 -1.00 3.95
N ILE A 22 3.47 -1.02 3.21
CA ILE A 22 2.39 -0.02 3.45
C ILE A 22 1.41 -0.58 4.48
N LEU A 23 1.24 0.10 5.58
CA LEU A 23 0.31 -0.37 6.64
C LEU A 23 -1.06 0.31 6.47
N LEU A 24 -2.04 -0.45 6.06
CA LEU A 24 -3.42 0.13 5.87
C LEU A 24 -4.23 -0.11 7.14
N GLY A 25 -4.81 0.93 7.67
CA GLY A 25 -5.64 0.79 8.90
C GLY A 25 -6.53 2.02 9.05
N ALA A 26 -7.83 1.82 9.08
CA ALA A 26 -8.78 2.96 9.21
C ALA A 26 -8.44 3.80 10.45
N GLY A 27 -7.80 4.91 10.23
CA GLY A 27 -7.42 5.82 11.35
C GLY A 27 -5.97 5.57 11.79
N ILE A 28 -5.20 4.81 11.03
CA ILE A 28 -3.79 4.55 11.41
C ILE A 28 -3.02 5.87 11.43
N ALA A 29 -3.28 6.76 10.49
CA ALA A 29 -2.58 8.08 10.48
C ALA A 29 -2.89 8.80 11.80
N PHE A 30 -4.09 8.64 12.30
CA PHE A 30 -4.47 9.30 13.58
C PHE A 30 -3.76 8.57 14.72
N ASN A 31 -3.41 9.30 15.76
CA ASN A 31 -2.70 8.69 16.94
C ASN A 31 -1.22 8.42 16.62
N LYS A 32 -0.69 9.08 15.62
CA LYS A 32 0.76 8.89 15.26
C LYS A 32 1.12 9.77 14.05
N LYS A 33 2.36 9.70 13.59
CA LYS A 33 2.79 10.53 12.42
C LYS A 33 4.06 9.94 11.80
N LYS A 34 4.66 10.63 10.86
CA LYS A 34 5.90 10.13 10.19
C LYS A 34 7.03 10.05 11.22
N ASN A 35 7.78 8.97 11.17
CA ASN A 35 8.92 8.74 12.11
C ASN A 35 8.41 8.09 13.41
N ASP A 36 7.15 8.27 13.74
CA ASP A 36 6.59 7.66 14.98
C ASP A 36 6.25 6.19 14.71
N ILE A 37 5.89 5.45 15.72
CA ILE A 37 5.54 4.01 15.53
C ILE A 37 4.09 3.91 15.05
N VAL A 38 3.81 2.95 14.20
CA VAL A 38 2.42 2.78 13.68
C VAL A 38 1.52 2.17 14.76
N ASP A 39 0.34 2.72 14.93
CA ASP A 39 -0.59 2.17 15.95
C ASP A 39 -1.02 0.76 15.50
N PRO A 40 -0.77 -0.21 16.33
CA PRO A 40 -1.10 -1.62 16.04
C PRO A 40 -2.61 -1.86 16.07
N SER A 41 -3.31 -1.20 16.97
CA SER A 41 -4.79 -1.38 17.04
C SER A 41 -5.40 -0.93 15.70
N LYS A 42 -4.75 0.01 15.03
CA LYS A 42 -5.26 0.50 13.72
C LYS A 42 -4.73 -0.38 12.58
N ILE A 43 -3.59 -1.02 12.76
CA ILE A 43 -3.02 -1.91 11.68
C ILE A 43 -4.09 -2.90 11.21
N GLU A 44 -4.60 -2.70 10.03
CA GLU A 44 -5.65 -3.61 9.48
C GLU A 44 -5.03 -4.56 8.44
N LYS A 45 -4.00 -4.11 7.76
CA LYS A 45 -3.35 -4.97 6.72
C LYS A 45 -1.93 -4.47 6.43
N THR A 46 -1.01 -5.37 6.21
CA THR A 46 0.39 -4.97 5.90
C THR A 46 0.73 -5.37 4.45
N PHE A 47 0.96 -4.39 3.60
CA PHE A 47 1.28 -4.69 2.18
C PHE A 47 2.79 -4.49 1.94
N ILE A 48 3.39 -5.41 1.24
CA ILE A 48 4.86 -5.31 0.95
C ILE A 48 5.10 -5.56 -0.54
N ARG A 49 5.96 -4.79 -1.16
CA ARG A 49 6.23 -4.97 -2.62
C ARG A 49 6.81 -6.37 -2.86
N LYS A 50 6.06 -7.22 -3.53
CA LYS A 50 6.55 -8.61 -3.81
C LYS A 50 7.34 -8.62 -5.11
N ASP A 51 8.65 -8.76 -5.01
CA ASP A 51 9.51 -8.79 -6.23
C ASP A 51 9.76 -10.25 -6.64
N THR A 52 10.27 -11.04 -5.73
CA THR A 52 10.57 -12.49 -6.01
C THR A 52 11.23 -12.65 -7.40
N PRO A 53 12.52 -12.37 -7.43
CA PRO A 53 13.33 -12.47 -8.66
C PRO A 53 13.76 -13.92 -8.92
N ASP A 54 14.07 -14.65 -7.88
CA ASP A 54 14.52 -16.07 -8.02
C ASP A 54 13.39 -16.96 -8.59
N TYR A 55 12.17 -16.45 -8.62
CA TYR A 55 11.01 -17.26 -9.16
C TYR A 55 11.35 -17.86 -10.54
N MET B 1 -6.29 -5.06 -14.43
CA MET B 1 -5.76 -4.29 -13.28
C MET B 1 -6.72 -3.14 -12.94
N LYS B 2 -7.84 -3.46 -12.35
CA LYS B 2 -8.83 -2.41 -11.98
C LYS B 2 -8.53 -1.87 -10.58
N ILE B 3 -9.22 -0.82 -10.19
CA ILE B 3 -9.00 -0.22 -8.85
C ILE B 3 -10.13 -0.63 -7.91
N LYS B 4 -9.78 -1.30 -6.83
CA LYS B 4 -10.80 -1.73 -5.84
C LYS B 4 -11.03 -0.60 -4.83
N ARG B 5 -9.97 0.11 -4.49
CA ARG B 5 -10.10 1.24 -3.51
C ARG B 5 -9.12 2.35 -3.88
N ILE B 6 -9.29 3.51 -3.27
CA ILE B 6 -8.38 4.66 -3.55
C ILE B 6 -7.73 5.11 -2.24
N LEU B 7 -6.43 5.20 -2.22
CA LEU B 7 -5.71 5.63 -0.99
C LEU B 7 -5.50 7.15 -1.05
N ASN B 8 -5.02 7.63 -2.17
CA ASN B 8 -4.80 9.10 -2.35
C ASN B 8 -4.47 9.40 -3.83
N HIS B 9 -3.98 10.58 -4.11
CA HIS B 9 -3.66 10.96 -5.53
C HIS B 9 -2.59 10.02 -6.15
N ASN B 10 -1.78 9.39 -5.33
CA ASN B 10 -0.71 8.50 -5.88
C ASN B 10 -0.91 7.05 -5.43
N ALA B 11 -1.52 6.82 -4.28
CA ALA B 11 -1.70 5.43 -3.80
C ALA B 11 -3.12 4.95 -4.11
N ILE B 12 -3.23 3.73 -4.60
CA ILE B 12 -4.56 3.16 -4.93
C ILE B 12 -4.55 1.65 -4.63
N VAL B 13 -5.67 1.09 -4.22
CA VAL B 13 -5.71 -0.37 -3.94
C VAL B 13 -6.31 -1.08 -5.15
N VAL B 14 -5.52 -1.89 -5.83
CA VAL B 14 -6.03 -2.61 -7.03
C VAL B 14 -6.03 -4.12 -6.78
N LYS B 15 -6.56 -4.88 -7.70
CA LYS B 15 -6.60 -6.37 -7.55
C LYS B 15 -5.94 -7.03 -8.76
N ASP B 16 -5.54 -8.27 -8.62
CA ASP B 16 -4.89 -8.98 -9.75
C ASP B 16 -5.15 -10.49 -9.63
N GLN B 17 -4.53 -11.27 -10.50
CA GLN B 17 -4.71 -12.74 -10.47
C GLN B 17 -4.29 -13.29 -9.11
N ASN B 18 -3.16 -12.84 -8.61
CA ASN B 18 -2.68 -13.33 -7.29
C ASN B 18 -3.65 -12.89 -6.18
N GLU B 19 -3.92 -11.61 -6.08
CA GLU B 19 -4.86 -11.11 -5.02
C GLU B 19 -4.86 -9.56 -5.02
N GLU B 20 -5.18 -8.96 -3.89
CA GLU B 20 -5.21 -7.47 -3.80
C GLU B 20 -3.79 -6.92 -3.70
N LYS B 21 -3.56 -5.76 -4.28
CA LYS B 21 -2.21 -5.13 -4.23
C LYS B 21 -2.37 -3.60 -4.32
N ILE B 22 -1.62 -2.88 -3.53
CA ILE B 22 -1.71 -1.39 -3.56
C ILE B 22 -0.71 -0.86 -4.60
N LEU B 23 -1.22 -0.15 -5.59
CA LEU B 23 -0.32 0.41 -6.64
C LEU B 23 0.03 1.86 -6.30
N LEU B 24 1.28 2.10 -5.94
CA LEU B 24 1.72 3.47 -5.59
C LEU B 24 2.35 4.12 -6.83
N GLY B 25 1.89 5.30 -7.17
CA GLY B 25 2.43 6.01 -8.37
C GLY B 25 2.05 7.48 -8.30
N ALA B 26 3.03 8.36 -8.28
CA ALA B 26 2.74 9.82 -8.20
C ALA B 26 1.80 10.24 -9.34
N GLY B 27 0.55 10.43 -9.00
CA GLY B 27 -0.46 10.85 -10.01
C GLY B 27 -1.22 9.63 -10.58
N ILE B 28 -1.06 8.47 -9.97
CA ILE B 28 -1.79 7.26 -10.47
C ILE B 28 -3.30 7.50 -10.36
N ALA B 29 -3.76 8.13 -9.29
CA ALA B 29 -5.21 8.42 -9.14
C ALA B 29 -5.67 9.29 -10.32
N PHE B 30 -4.81 10.18 -10.77
CA PHE B 30 -5.16 11.04 -11.93
C PHE B 30 -5.13 10.19 -13.20
N ASN B 31 -5.97 10.51 -14.15
CA ASN B 31 -6.03 9.74 -15.44
C ASN B 31 -6.75 8.40 -15.25
N LYS B 32 -7.54 8.26 -14.21
CA LYS B 32 -8.28 6.98 -13.96
C LYS B 32 -9.11 7.10 -12.67
N LYS B 33 -9.82 6.05 -12.31
CA LYS B 33 -10.65 6.09 -11.06
C LYS B 33 -10.97 4.66 -10.60
N LYS B 34 -11.82 4.52 -9.61
CA LYS B 34 -12.19 3.16 -9.10
C LYS B 34 -12.91 2.37 -10.19
N ASN B 35 -12.54 1.11 -10.33
CA ASN B 35 -13.16 0.21 -11.36
C ASN B 35 -12.43 0.37 -12.70
N ASP B 36 -11.77 1.49 -12.92
CA ASP B 36 -11.03 1.70 -14.20
C ASP B 36 -9.66 1.00 -14.10
N ILE B 37 -8.94 0.94 -15.19
CA ILE B 37 -7.60 0.29 -15.16
C ILE B 37 -6.57 1.28 -14.61
N VAL B 38 -5.59 0.79 -13.89
CA VAL B 38 -4.55 1.68 -13.31
C VAL B 38 -3.59 2.12 -14.41
N ASP B 39 -3.26 3.40 -14.43
CA ASP B 39 -2.31 3.91 -15.46
C ASP B 39 -0.93 3.29 -15.17
N PRO B 40 -0.39 2.60 -16.15
CA PRO B 40 0.92 1.93 -16.02
C PRO B 40 2.06 2.95 -16.00
N SER B 41 1.95 4.02 -16.76
CA SER B 41 3.02 5.07 -16.75
C SER B 41 3.15 5.63 -15.34
N LYS B 42 2.07 5.63 -14.59
CA LYS B 42 2.09 6.16 -13.19
C LYS B 42 2.51 5.05 -12.22
N ILE B 43 2.26 3.79 -12.56
CA ILE B 43 2.65 2.67 -11.63
C ILE B 43 4.13 2.81 -11.25
N GLU B 44 4.38 3.16 -10.01
CA GLU B 44 5.78 3.33 -9.53
C GLU B 44 6.17 2.13 -8.67
N LYS B 45 5.22 1.53 -7.98
CA LYS B 45 5.53 0.35 -7.13
C LYS B 45 4.26 -0.47 -6.85
N THR B 46 4.38 -1.77 -6.80
CA THR B 46 3.21 -2.64 -6.52
C THR B 46 3.38 -3.34 -5.17
N PHE B 47 2.55 -3.01 -4.21
CA PHE B 47 2.65 -3.63 -2.86
C PHE B 47 1.57 -4.69 -2.70
N ILE B 48 1.92 -5.82 -2.16
CA ILE B 48 0.94 -6.93 -1.95
C ILE B 48 1.08 -7.46 -0.52
N ARG B 49 -0.02 -7.72 0.14
CA ARG B 49 0.04 -8.24 1.55
C ARG B 49 0.76 -9.59 1.56
N LYS B 50 1.93 -9.64 2.16
CA LYS B 50 2.71 -10.91 2.22
C LYS B 50 2.30 -11.71 3.46
N ASP B 51 1.57 -12.78 3.26
CA ASP B 51 1.12 -13.62 4.41
C ASP B 51 2.10 -14.78 4.61
N THR B 52 2.32 -15.56 3.58
CA THR B 52 3.27 -16.72 3.65
C THR B 52 3.05 -17.52 4.94
N PRO B 53 2.03 -18.34 4.94
CA PRO B 53 1.67 -19.19 6.10
C PRO B 53 2.52 -20.46 6.14
N ASP B 54 2.81 -21.02 5.00
CA ASP B 54 3.64 -22.27 4.92
C ASP B 54 5.07 -22.03 5.43
N TYR B 55 5.46 -20.78 5.60
CA TYR B 55 6.85 -20.47 6.09
C TYR B 55 7.18 -21.29 7.36
N MET A 1 8.58 -0.95 12.90
CA MET A 1 7.62 -0.56 11.84
C MET A 1 7.34 0.96 11.93
N LYS A 2 8.28 1.76 11.52
CA LYS A 2 8.12 3.23 11.57
C LYS A 2 7.35 3.72 10.34
N ILE A 3 6.89 4.93 10.39
CA ILE A 3 6.12 5.51 9.25
C ILE A 3 7.07 6.30 8.35
N LYS A 4 7.46 5.71 7.24
CA LYS A 4 8.38 6.40 6.30
C LYS A 4 7.59 7.48 5.54
N ARG A 5 6.37 7.17 5.16
CA ARG A 5 5.53 8.16 4.42
C ARG A 5 4.07 8.05 4.86
N ILE A 6 3.26 9.01 4.50
CA ILE A 6 1.82 8.97 4.87
C ILE A 6 0.98 9.07 3.59
N LEU A 7 0.18 8.07 3.33
CA LEU A 7 -0.68 8.06 2.12
C LEU A 7 -1.93 8.89 2.41
N ASN A 8 -2.55 8.64 3.54
CA ASN A 8 -3.76 9.41 3.94
C ASN A 8 -4.01 9.20 5.44
N HIS A 9 -5.23 9.34 5.91
CA HIS A 9 -5.51 9.17 7.38
C HIS A 9 -5.56 7.67 7.75
N ASN A 10 -5.49 6.78 6.78
CA ASN A 10 -5.57 5.33 7.06
C ASN A 10 -4.37 4.58 6.46
N ALA A 11 -3.91 5.01 5.30
CA ALA A 11 -2.77 4.30 4.66
C ALA A 11 -1.47 5.05 4.91
N ILE A 12 -0.40 4.33 5.14
CA ILE A 12 0.93 4.95 5.38
C ILE A 12 2.03 4.02 4.91
N VAL A 13 3.11 4.57 4.39
CA VAL A 13 4.23 3.71 3.90
C VAL A 13 5.21 3.49 5.06
N VAL A 14 5.34 2.27 5.52
CA VAL A 14 6.25 1.98 6.65
C VAL A 14 7.44 1.14 6.16
N LYS A 15 8.39 0.89 7.02
CA LYS A 15 9.58 0.07 6.63
C LYS A 15 9.67 -1.16 7.53
N ASP A 16 10.16 -2.25 7.00
CA ASP A 16 10.28 -3.50 7.80
C ASP A 16 11.62 -4.19 7.51
N GLN A 17 11.86 -5.30 8.17
CA GLN A 17 13.13 -6.05 7.96
C GLN A 17 13.29 -6.42 6.49
N ASN A 18 12.22 -6.86 5.86
CA ASN A 18 12.28 -7.25 4.43
C ASN A 18 12.67 -6.02 3.57
N GLU A 19 11.96 -4.92 3.71
CA GLU A 19 12.28 -3.71 2.90
C GLU A 19 11.29 -2.59 3.25
N GLU A 20 10.21 -2.48 2.52
CA GLU A 20 9.21 -1.42 2.79
C GLU A 20 7.81 -2.04 2.82
N LYS A 21 6.99 -1.60 3.74
CA LYS A 21 5.60 -2.15 3.84
C LYS A 21 4.58 -1.00 3.77
N ILE A 22 3.32 -1.34 3.67
CA ILE A 22 2.25 -0.30 3.60
C ILE A 22 1.19 -0.65 4.65
N LEU A 23 0.94 0.25 5.57
CA LEU A 23 -0.07 -0.02 6.62
C LEU A 23 -1.40 0.65 6.25
N LEU A 24 -2.40 -0.14 5.95
CA LEU A 24 -3.74 0.43 5.59
C LEU A 24 -4.71 0.17 6.74
N GLY A 25 -4.80 1.10 7.66
CA GLY A 25 -5.72 0.93 8.83
C GLY A 25 -6.56 2.21 8.99
N ALA A 26 -7.86 2.07 8.96
CA ALA A 26 -8.75 3.27 9.10
C ALA A 26 -8.42 4.05 10.37
N GLY A 27 -7.69 5.12 10.22
CA GLY A 27 -7.30 5.97 11.39
C GLY A 27 -5.87 5.68 11.85
N ILE A 28 -5.14 4.85 11.13
CA ILE A 28 -3.74 4.53 11.53
C ILE A 28 -2.90 5.82 11.53
N ALA A 29 -3.13 6.69 10.57
CA ALA A 29 -2.36 7.98 10.53
C ALA A 29 -2.68 8.77 11.79
N PHE A 30 -3.93 8.72 12.23
CA PHE A 30 -4.32 9.43 13.48
C PHE A 30 -3.64 8.72 14.65
N ASN A 31 -3.17 9.47 15.61
CA ASN A 31 -2.47 8.86 16.79
C ASN A 31 -1.10 8.31 16.36
N LYS A 32 -0.49 8.94 15.37
CA LYS A 32 0.85 8.49 14.88
C LYS A 32 1.46 9.57 13.97
N LYS A 33 2.72 9.45 13.65
CA LYS A 33 3.37 10.47 12.77
C LYS A 33 4.59 9.86 12.04
N LYS A 34 5.20 10.62 11.17
CA LYS A 34 6.39 10.11 10.42
C LYS A 34 7.50 9.73 11.39
N ASN A 35 8.07 8.56 11.19
CA ASN A 35 9.17 8.04 12.07
C ASN A 35 8.58 7.32 13.30
N ASP A 36 7.31 7.51 13.59
CA ASP A 36 6.69 6.82 14.76
C ASP A 36 6.26 5.41 14.35
N ILE A 37 6.28 4.49 15.27
CA ILE A 37 5.86 3.09 14.96
C ILE A 37 4.37 3.05 14.67
N VAL A 38 3.96 2.20 13.77
CA VAL A 38 2.50 2.10 13.42
C VAL A 38 1.75 1.37 14.54
N ASP A 39 0.59 1.85 14.87
CA ASP A 39 -0.23 1.20 15.94
C ASP A 39 -0.73 -0.14 15.39
N PRO A 40 -0.47 -1.20 16.11
CA PRO A 40 -0.87 -2.56 15.71
C PRO A 40 -2.38 -2.75 15.82
N SER A 41 -3.00 -2.18 16.83
CA SER A 41 -4.48 -2.28 16.98
C SER A 41 -5.14 -1.62 15.77
N LYS A 42 -4.48 -0.64 15.20
CA LYS A 42 -5.03 0.07 14.00
C LYS A 42 -4.62 -0.67 12.71
N ILE A 43 -3.59 -1.49 12.76
CA ILE A 43 -3.15 -2.25 11.54
C ILE A 43 -4.32 -3.09 11.00
N GLU A 44 -4.87 -2.69 9.89
CA GLU A 44 -6.01 -3.44 9.29
C GLU A 44 -5.51 -4.22 8.08
N LYS A 45 -4.52 -3.71 7.39
CA LYS A 45 -3.98 -4.42 6.18
C LYS A 45 -2.48 -4.12 6.03
N THR A 46 -1.66 -5.15 5.98
CA THR A 46 -0.20 -4.95 5.84
C THR A 46 0.24 -5.34 4.41
N PHE A 47 0.73 -4.38 3.66
CA PHE A 47 1.17 -4.67 2.27
C PHE A 47 2.70 -4.57 2.16
N ILE A 48 3.29 -5.32 1.27
CA ILE A 48 4.78 -5.29 1.11
C ILE A 48 5.13 -5.17 -0.38
N ARG A 49 6.12 -4.37 -0.69
CA ARG A 49 6.54 -4.18 -2.12
C ARG A 49 7.25 -5.45 -2.60
N LYS A 50 6.76 -6.05 -3.66
CA LYS A 50 7.41 -7.28 -4.21
C LYS A 50 8.78 -6.91 -4.80
N ASP A 51 9.83 -7.19 -4.07
CA ASP A 51 11.21 -6.87 -4.56
C ASP A 51 11.75 -8.04 -5.38
N THR A 52 11.65 -9.24 -4.85
CA THR A 52 12.17 -10.44 -5.58
C THR A 52 11.21 -10.80 -6.72
N PRO A 53 11.73 -10.80 -7.92
CA PRO A 53 10.95 -11.13 -9.13
C PRO A 53 10.76 -12.64 -9.27
N ASP A 54 11.84 -13.37 -9.43
CA ASP A 54 11.74 -14.85 -9.58
C ASP A 54 12.59 -15.53 -8.50
N TYR A 55 13.85 -15.18 -8.40
CA TYR A 55 14.74 -15.79 -7.37
C TYR A 55 14.28 -15.42 -5.95
N MET B 1 -5.53 -5.49 -13.43
CA MET B 1 -5.15 -4.65 -12.26
C MET B 1 -6.14 -3.48 -12.15
N LYS B 2 -7.33 -3.75 -11.69
CA LYS B 2 -8.37 -2.69 -11.54
C LYS B 2 -8.18 -1.96 -10.21
N ILE B 3 -8.82 -0.83 -10.07
CA ILE B 3 -8.70 -0.04 -8.81
C ILE B 3 -9.86 -0.40 -7.89
N LYS B 4 -9.59 -1.20 -6.88
CA LYS B 4 -10.65 -1.60 -5.91
C LYS B 4 -10.93 -0.43 -4.98
N ARG B 5 -9.90 0.27 -4.57
CA ARG B 5 -10.07 1.44 -3.65
C ARG B 5 -9.09 2.55 -4.02
N ILE B 6 -9.29 3.72 -3.48
CA ILE B 6 -8.37 4.87 -3.75
C ILE B 6 -7.82 5.40 -2.43
N LEU B 7 -6.53 5.35 -2.25
CA LEU B 7 -5.90 5.84 -1.00
C LEU B 7 -5.76 7.37 -1.10
N ASN B 8 -5.25 7.83 -2.21
CA ASN B 8 -5.09 9.31 -2.43
C ASN B 8 -4.87 9.56 -3.93
N HIS B 9 -4.22 10.65 -4.29
CA HIS B 9 -4.00 10.94 -5.74
C HIS B 9 -2.84 10.10 -6.31
N ASN B 10 -2.14 9.37 -5.47
CA ASN B 10 -0.99 8.55 -5.94
C ASN B 10 -1.15 7.09 -5.51
N ALA B 11 -1.69 6.85 -4.35
CA ALA B 11 -1.84 5.45 -3.86
C ALA B 11 -3.27 4.95 -4.10
N ILE B 12 -3.39 3.70 -4.48
CA ILE B 12 -4.74 3.11 -4.74
C ILE B 12 -4.69 1.60 -4.45
N VAL B 13 -5.76 1.05 -3.93
CA VAL B 13 -5.80 -0.41 -3.64
C VAL B 13 -6.32 -1.15 -4.87
N VAL B 14 -5.48 -1.94 -5.49
CA VAL B 14 -5.92 -2.69 -6.71
C VAL B 14 -6.00 -4.20 -6.41
N LYS B 15 -6.46 -4.97 -7.36
CA LYS B 15 -6.57 -6.45 -7.15
C LYS B 15 -5.73 -7.16 -8.21
N ASP B 16 -5.17 -8.30 -7.86
CA ASP B 16 -4.33 -9.06 -8.82
C ASP B 16 -4.63 -10.56 -8.71
N GLN B 17 -3.97 -11.36 -9.51
CA GLN B 17 -4.20 -12.84 -9.49
C GLN B 17 -3.92 -13.38 -8.09
N ASN B 18 -2.87 -12.91 -7.47
CA ASN B 18 -2.53 -13.39 -6.10
C ASN B 18 -3.65 -13.04 -5.11
N GLU B 19 -4.06 -11.78 -5.07
CA GLU B 19 -5.15 -11.38 -4.13
C GLU B 19 -5.41 -9.87 -4.27
N GLU B 20 -4.76 -9.08 -3.46
CA GLU B 20 -4.95 -7.60 -3.53
C GLU B 20 -3.58 -6.91 -3.55
N LYS B 21 -3.44 -5.88 -4.35
CA LYS B 21 -2.16 -5.14 -4.43
C LYS B 21 -2.38 -3.66 -4.13
N ILE B 22 -1.32 -2.91 -4.02
CA ILE B 22 -1.43 -1.44 -3.75
C ILE B 22 -0.56 -0.70 -4.76
N LEU B 23 -1.14 0.17 -5.54
CA LEU B 23 -0.35 0.92 -6.54
C LEU B 23 0.00 2.31 -6.01
N LEU B 24 1.26 2.55 -5.75
CA LEU B 24 1.70 3.88 -5.24
C LEU B 24 2.45 4.62 -6.35
N GLY B 25 1.73 5.39 -7.14
CA GLY B 25 2.37 6.15 -8.26
C GLY B 25 1.91 7.60 -8.19
N ALA B 26 2.84 8.53 -8.11
CA ALA B 26 2.49 9.98 -8.02
C ALA B 26 1.58 10.38 -9.20
N GLY B 27 0.31 10.46 -8.94
CA GLY B 27 -0.67 10.86 -9.98
C GLY B 27 -1.39 9.64 -10.58
N ILE B 28 -1.16 8.45 -10.04
CA ILE B 28 -1.82 7.24 -10.57
C ILE B 28 -3.35 7.40 -10.45
N ALA B 29 -3.82 7.98 -9.38
CA ALA B 29 -5.30 8.20 -9.21
C ALA B 29 -5.77 9.11 -10.35
N PHE B 30 -4.97 10.10 -10.70
CA PHE B 30 -5.34 11.01 -11.82
C PHE B 30 -5.29 10.19 -13.12
N ASN B 31 -6.24 10.42 -14.01
CA ASN B 31 -6.27 9.66 -15.30
C ASN B 31 -6.70 8.21 -15.03
N LYS B 32 -7.51 8.00 -14.01
CA LYS B 32 -7.99 6.62 -13.68
C LYS B 32 -9.15 6.72 -12.66
N LYS B 33 -9.85 5.62 -12.44
CA LYS B 33 -10.99 5.64 -11.47
C LYS B 33 -11.25 4.22 -10.92
N LYS B 34 -12.16 4.11 -9.99
CA LYS B 34 -12.50 2.78 -9.38
C LYS B 34 -12.96 1.82 -10.47
N ASN B 35 -12.41 0.62 -10.46
CA ASN B 35 -12.76 -0.42 -11.47
C ASN B 35 -11.91 -0.26 -12.74
N ASP B 36 -11.26 0.87 -12.92
CA ASP B 36 -10.42 1.08 -14.13
C ASP B 36 -9.03 0.47 -13.87
N ILE B 37 -8.39 0.00 -14.92
CA ILE B 37 -7.04 -0.60 -14.76
C ILE B 37 -6.04 0.50 -14.39
N VAL B 38 -5.06 0.16 -13.58
CA VAL B 38 -4.04 1.16 -13.16
C VAL B 38 -3.06 1.43 -14.32
N ASP B 39 -2.72 2.67 -14.51
CA ASP B 39 -1.76 3.03 -15.59
C ASP B 39 -0.38 2.51 -15.19
N PRO B 40 0.23 1.74 -16.08
CA PRO B 40 1.55 1.14 -15.82
C PRO B 40 2.65 2.21 -15.86
N SER B 41 2.52 3.18 -16.74
CA SER B 41 3.55 4.26 -16.79
C SER B 41 3.53 5.03 -15.46
N LYS B 42 2.39 5.06 -14.81
CA LYS B 42 2.27 5.77 -13.50
C LYS B 42 2.68 4.82 -12.36
N ILE B 43 2.63 3.52 -12.58
CA ILE B 43 3.02 2.54 -11.51
C ILE B 43 4.44 2.85 -11.03
N GLU B 44 4.56 3.37 -9.82
CA GLU B 44 5.89 3.69 -9.26
C GLU B 44 6.26 2.66 -8.20
N LYS B 45 5.27 2.13 -7.50
CA LYS B 45 5.54 1.11 -6.44
C LYS B 45 4.37 0.13 -6.35
N THR B 46 4.66 -1.15 -6.48
CA THR B 46 3.57 -2.18 -6.41
C THR B 46 3.68 -2.94 -5.08
N PHE B 47 2.69 -2.82 -4.24
CA PHE B 47 2.70 -3.52 -2.92
C PHE B 47 1.66 -4.65 -2.91
N ILE B 48 1.92 -5.69 -2.16
CA ILE B 48 0.96 -6.83 -2.09
C ILE B 48 0.73 -7.22 -0.62
N ARG B 49 -0.50 -7.53 -0.28
CA ARG B 49 -0.81 -7.92 1.13
C ARG B 49 -0.27 -9.33 1.41
N LYS B 50 0.56 -9.46 2.41
CA LYS B 50 1.14 -10.81 2.75
C LYS B 50 0.01 -11.70 3.29
N ASP B 51 -0.48 -12.59 2.47
CA ASP B 51 -1.58 -13.51 2.91
C ASP B 51 -0.98 -14.78 3.52
N THR B 52 -0.02 -15.38 2.85
CA THR B 52 0.62 -16.62 3.38
C THR B 52 1.58 -16.26 4.53
N PRO B 53 1.32 -16.82 5.69
CA PRO B 53 2.13 -16.58 6.90
C PRO B 53 3.44 -17.41 6.84
N ASP B 54 3.32 -18.72 6.84
CA ASP B 54 4.54 -19.59 6.79
C ASP B 54 4.45 -20.51 5.58
N TYR B 55 3.36 -21.24 5.45
CA TYR B 55 3.20 -22.19 4.30
C TYR B 55 3.13 -21.40 2.97
#